data_8K2I
#
_entry.id   8K2I
#
_cell.length_a   69.284
_cell.length_b   133.833
_cell.length_c   150.723
_cell.angle_alpha   90.00
_cell.angle_beta   90.00
_cell.angle_gamma   90.00
#
_symmetry.space_group_name_H-M   'P 21 21 21'
#
loop_
_entity.id
_entity.type
_entity.pdbx_description
1 polymer 'Oligosaccharide/Monosaccharide-releasing beta-N-acetylhexosaminidase'
2 non-polymer DI(HYDROXYETHYL)ETHER
3 non-polymer 3AR,5R,6S,7R,7AR-5-HYDROXYMETHYL-2-METHYL-5,6,7,7A-TETRAHYDRO-3AH-PYRANO[3,2-D]THIAZOLE-6,7-DIOL
4 non-polymer 'CHLORIDE ION'
5 water water
#
_entity_poly.entity_id   1
_entity_poly.type   'polypeptide(L)'
_entity_poly.pdbx_seq_one_letter_code
;GPGMDNNVSQEMTVPVEGVAGGGTAYGFNDAEPLKQSTDPSEVPTADLVNVWCMPNTVNVGSQETPRALEPINLLAARNE
RESFQIAMRPKVSWAASSPSGIVQVQCSDLCSSAGDRLVVGQSLKLRRVVPVLGVPDALVPLDLPVSQLSLFPGETSVIW
VSIDVPTGQPPGQYEGEIIISAMKTDGGGSSHLAKHEKDQLCVELNTCLDIMEPIEGKPMDEVVERIKCASSSLRRILFS
PSFSEFISTNGSTDMMEEDVVSNLSLRIKLRLTVWEFIIPVTPSLPAVIGVSDTVIEDRFAVEHGSEDWYKKLDLHFKWL
LQYRISPYFCKWGESMRVLTYTSPWPADHPKSDEYLSDSRLAAYAVPYRQVIAGDDSRESYLRKEVEILRSKPHWNKAYF
YLWDEPLNMEHFDNVRKMASEIYAYAPDSRVLTTYYCGPGDAPLAPTPFESFVKVPNLLRPYTQIYCTSEWVLGNREDLV
KDILDELQTENGEEWWTYICLGPSDPHPNWHLGMRGTQQRAVMWRVWKEGGTGFLYWGANCYEKATVPSAEVKFRRGLPP
GDGVLYYPGEVFSSSSEPVASLRLERLLSGLQDYEYLKLYESKYGREEAMGLLEKTGVYTGPERYTLEHRPIDVLRGEVY
NTCRPS
;
_entity_poly.pdbx_strand_id   B,A
#
# COMPACT_ATOMS: atom_id res chain seq x y z
N VAL A 14 -31.21 8.64 47.74
CA VAL A 14 -30.89 7.83 48.97
C VAL A 14 -30.78 8.69 50.25
N PRO A 15 -31.63 8.49 51.32
CA PRO A 15 -31.60 9.34 52.52
C PRO A 15 -30.33 9.15 53.35
N VAL A 16 -30.12 10.03 54.35
CA VAL A 16 -28.98 9.99 55.30
C VAL A 16 -28.91 8.64 56.06
N GLU A 17 -30.07 8.01 56.31
CA GLU A 17 -30.14 6.72 57.02
C GLU A 17 -30.16 5.54 56.04
N GLY A 18 -30.10 5.80 54.73
CA GLY A 18 -30.11 4.77 53.72
C GLY A 18 -31.51 4.19 53.49
N VAL A 19 -31.65 3.54 52.32
CA VAL A 19 -32.83 2.75 51.97
C VAL A 19 -33.13 1.80 53.13
N ALA A 20 -34.39 1.86 53.57
CA ALA A 20 -34.97 0.95 54.55
C ALA A 20 -34.13 0.94 55.85
N GLY A 21 -33.33 1.97 56.11
CA GLY A 21 -32.63 2.05 57.39
C GLY A 21 -31.33 1.24 57.45
N GLY A 22 -30.69 1.01 56.27
CA GLY A 22 -29.47 0.23 56.16
C GLY A 22 -28.21 1.01 56.56
N GLY A 23 -28.38 2.33 56.69
CA GLY A 23 -27.36 3.24 57.14
C GLY A 23 -26.65 3.91 55.97
N THR A 24 -25.55 4.61 56.27
CA THR A 24 -24.90 5.51 55.33
C THR A 24 -24.76 4.86 53.96
N ALA A 25 -25.34 5.43 52.90
CA ALA A 25 -25.00 5.11 51.49
C ALA A 25 -25.56 3.74 51.08
N TYR A 26 -26.46 3.20 51.90
CA TYR A 26 -27.03 1.91 51.56
C TYR A 26 -28.10 2.13 50.51
N GLY A 27 -27.87 1.57 49.31
CA GLY A 27 -28.86 1.61 48.25
C GLY A 27 -28.44 2.49 47.05
N PHE A 28 -27.28 3.15 47.03
CA PHE A 28 -26.83 3.88 45.83
C PHE A 28 -26.64 2.89 44.68
N ASN A 29 -27.66 2.71 43.85
CA ASN A 29 -27.73 1.59 42.91
C ASN A 29 -27.77 0.28 43.72
N ASP A 30 -28.98 -0.31 43.83
CA ASP A 30 -29.22 -1.74 44.06
C ASP A 30 -28.59 -2.52 42.90
N ALA A 31 -28.61 -1.90 41.68
CA ALA A 31 -27.91 -2.29 40.45
C ALA A 31 -28.65 -3.43 39.75
N GLU A 32 -29.99 -3.30 39.67
CA GLU A 32 -30.85 -4.34 39.10
C GLU A 32 -30.96 -5.49 40.10
N PRO A 33 -32.12 -5.73 40.78
CA PRO A 33 -32.21 -6.85 41.74
C PRO A 33 -31.67 -8.11 41.04
N LEU A 34 -30.92 -9.00 41.73
CA LEU A 34 -30.58 -10.29 41.13
C LEU A 34 -31.88 -11.11 41.07
N LYS A 35 -31.98 -12.01 40.09
CA LYS A 35 -32.96 -13.12 40.13
C LYS A 35 -32.69 -13.97 41.39
N GLN A 36 -33.70 -14.67 41.94
CA GLN A 36 -33.52 -15.25 43.27
C GLN A 36 -32.97 -16.69 43.17
N SER A 37 -33.14 -17.34 42.01
CA SER A 37 -32.51 -18.63 41.72
C SER A 37 -31.06 -18.36 41.32
N THR A 38 -30.16 -19.26 41.73
CA THR A 38 -28.79 -19.30 41.27
C THR A 38 -28.52 -20.59 40.48
N ASP A 39 -29.55 -21.12 39.79
CA ASP A 39 -29.47 -22.40 39.11
C ASP A 39 -29.15 -22.17 37.62
N PRO A 40 -27.96 -22.60 37.13
CA PRO A 40 -27.55 -22.27 35.75
C PRO A 40 -28.40 -22.93 34.67
N SER A 41 -29.10 -24.02 35.02
CA SER A 41 -30.06 -24.64 34.12
C SER A 41 -31.40 -23.90 34.11
N GLU A 42 -31.67 -22.88 34.97
CA GLU A 42 -32.84 -22.01 34.76
C GLU A 42 -32.54 -20.50 34.64
N VAL A 43 -31.36 -20.02 35.07
CA VAL A 43 -31.07 -18.57 35.01
C VAL A 43 -30.15 -18.24 33.84
N PRO A 44 -30.38 -17.17 33.04
CA PRO A 44 -29.42 -16.76 31.98
C PRO A 44 -28.04 -16.46 32.59
N THR A 45 -26.96 -16.97 31.98
CA THR A 45 -25.59 -16.68 32.36
C THR A 45 -25.38 -15.19 32.70
N ALA A 46 -25.94 -14.28 31.87
CA ALA A 46 -25.81 -12.83 32.00
C ALA A 46 -26.30 -12.38 33.39
N ASP A 47 -27.29 -13.07 33.98
CA ASP A 47 -27.83 -12.71 35.28
C ASP A 47 -26.95 -13.29 36.37
N LEU A 48 -26.02 -14.21 36.02
CA LEU A 48 -25.08 -14.81 36.99
C LEU A 48 -23.64 -14.23 36.95
N VAL A 49 -23.21 -13.73 35.77
CA VAL A 49 -21.84 -13.28 35.56
C VAL A 49 -21.85 -12.04 34.67
N ASN A 50 -21.08 -10.99 35.08
CA ASN A 50 -20.79 -9.84 34.25
C ASN A 50 -19.72 -10.21 33.23
N VAL A 51 -20.03 -10.00 31.97
CA VAL A 51 -19.14 -10.21 30.86
C VAL A 51 -19.10 -8.97 29.98
N TRP A 52 -17.88 -8.50 29.68
CA TRP A 52 -17.70 -7.38 28.78
C TRP A 52 -16.36 -7.55 28.07
N CYS A 53 -16.12 -6.69 27.08
CA CYS A 53 -14.88 -6.68 26.31
C CYS A 53 -14.01 -5.49 26.69
N MET A 54 -12.70 -5.63 26.44
CA MET A 54 -11.71 -4.60 26.77
C MET A 54 -10.71 -4.54 25.62
N PRO A 55 -10.13 -3.35 25.33
CA PRO A 55 -9.14 -3.20 24.24
C PRO A 55 -7.81 -3.90 24.51
N ASN A 56 -7.07 -4.29 23.45
CA ASN A 56 -5.83 -5.07 23.58
C ASN A 56 -4.69 -4.32 24.30
N THR A 57 -4.86 -3.00 24.57
CA THR A 57 -3.84 -2.17 25.22
C THR A 57 -4.11 -1.97 26.72
N VAL A 58 -5.14 -2.60 27.28
CA VAL A 58 -5.33 -2.53 28.72
C VAL A 58 -4.71 -3.77 29.38
N ASN A 59 -4.02 -3.54 30.52
CA ASN A 59 -3.64 -4.62 31.45
C ASN A 59 -4.75 -4.77 32.47
N VAL A 60 -5.62 -5.78 32.25
CA VAL A 60 -6.92 -5.88 32.90
C VAL A 60 -6.71 -6.62 34.22
N GLY A 61 -6.65 -5.86 35.33
CA GLY A 61 -6.38 -6.38 36.67
C GLY A 61 -7.61 -7.06 37.22
N SER A 62 -7.42 -7.79 38.33
CA SER A 62 -8.44 -8.61 38.98
C SER A 62 -9.55 -7.76 39.61
N GLN A 63 -9.35 -6.43 39.76
CA GLN A 63 -10.37 -5.56 40.36
C GLN A 63 -11.00 -4.62 39.33
N GLU A 64 -10.84 -4.94 38.03
CA GLU A 64 -11.50 -4.10 37.04
C GLU A 64 -13.02 -4.22 37.12
N THR A 65 -13.70 -3.07 37.07
CA THR A 65 -15.16 -2.96 37.19
C THR A 65 -15.89 -3.34 35.89
N PRO A 66 -17.05 -4.05 36.03
CA PRO A 66 -17.94 -4.36 34.92
C PRO A 66 -18.32 -3.15 34.08
N ARG A 67 -18.33 -3.31 32.76
CA ARG A 67 -19.09 -2.47 31.85
C ARG A 67 -20.12 -3.30 31.08
N ALA A 68 -20.99 -2.61 30.34
CA ALA A 68 -22.06 -3.18 29.53
C ALA A 68 -21.42 -3.83 28.32
N LEU A 69 -21.80 -5.08 28.00
CA LEU A 69 -21.37 -5.78 26.80
C LEU A 69 -21.94 -5.04 25.61
N GLU A 70 -21.06 -4.66 24.66
CA GLU A 70 -21.45 -4.20 23.31
C GLU A 70 -20.87 -5.17 22.28
N PRO A 71 -21.18 -5.09 20.96
CA PRO A 71 -20.57 -6.01 20.01
C PRO A 71 -19.18 -5.45 19.75
N ILE A 72 -18.27 -6.30 19.28
CA ILE A 72 -16.91 -5.85 18.97
C ILE A 72 -16.69 -5.78 17.45
N ASN A 73 -16.25 -4.59 17.00
CA ASN A 73 -15.95 -4.26 15.61
C ASN A 73 -14.45 -4.00 15.43
N LEU A 74 -13.76 -4.90 14.72
CA LEU A 74 -12.33 -4.94 14.54
C LEU A 74 -11.99 -4.67 13.08
N LEU A 75 -10.76 -4.18 12.84
CA LEU A 75 -10.11 -4.05 11.54
C LEU A 75 -8.76 -4.82 11.45
N ALA A 76 -8.51 -5.57 10.36
CA ALA A 76 -7.17 -6.15 10.18
C ALA A 76 -6.85 -6.27 8.69
N ALA A 77 -5.57 -5.99 8.36
CA ALA A 77 -5.05 -6.29 7.03
C ALA A 77 -4.74 -7.79 6.88
N ARG A 78 -4.35 -8.21 5.68
CA ARG A 78 -3.90 -9.58 5.51
C ARG A 78 -2.53 -9.72 6.18
N ASN A 79 -2.23 -10.90 6.72
CA ASN A 79 -0.95 -11.08 7.43
C ASN A 79 -0.88 -10.13 8.64
N GLU A 80 -2.01 -9.89 9.36
CA GLU A 80 -2.10 -9.10 10.57
C GLU A 80 -2.78 -9.89 11.70
N ARG A 81 -2.17 -9.98 12.89
CA ARG A 81 -2.87 -10.40 14.12
C ARG A 81 -3.56 -9.20 14.78
N GLU A 82 -4.86 -9.31 14.93
CA GLU A 82 -5.64 -8.37 15.73
C GLU A 82 -6.26 -9.11 16.90
N SER A 83 -6.32 -8.43 18.07
CA SER A 83 -6.61 -8.99 19.38
C SER A 83 -7.61 -8.12 20.12
N PHE A 84 -8.33 -8.78 21.03
CA PHE A 84 -9.12 -8.07 22.05
C PHE A 84 -9.28 -8.96 23.25
N GLN A 85 -9.95 -8.44 24.29
CA GLN A 85 -10.08 -9.22 25.52
C GLN A 85 -11.53 -9.28 25.98
N ILE A 86 -11.78 -10.36 26.75
CA ILE A 86 -13.03 -10.62 27.40
C ILE A 86 -12.81 -10.73 28.89
N ALA A 87 -13.58 -9.93 29.63
CA ALA A 87 -13.58 -9.86 31.08
C ALA A 87 -14.87 -10.49 31.60
N MET A 88 -14.76 -11.18 32.73
CA MET A 88 -15.78 -11.98 33.39
C MET A 88 -15.60 -11.82 34.89
N ARG A 89 -16.66 -11.45 35.58
CA ARG A 89 -16.63 -11.36 37.03
C ARG A 89 -17.97 -11.88 37.55
N PRO A 90 -17.95 -12.91 38.42
CA PRO A 90 -19.15 -13.44 39.02
C PRO A 90 -19.96 -12.42 39.80
N LYS A 91 -21.30 -12.50 39.64
CA LYS A 91 -22.27 -11.77 40.45
C LYS A 91 -22.71 -12.55 41.67
N VAL A 92 -22.69 -13.89 41.55
CA VAL A 92 -23.22 -14.79 42.60
C VAL A 92 -22.43 -16.09 42.50
N SER A 93 -22.58 -17.04 43.47
CA SER A 93 -22.28 -18.49 43.34
C SER A 93 -23.37 -19.23 42.56
N TRP A 94 -23.03 -19.96 41.49
CA TRP A 94 -23.97 -20.89 40.85
C TRP A 94 -23.51 -22.33 41.00
N ALA A 95 -22.40 -22.46 41.72
CA ALA A 95 -21.88 -23.70 42.26
C ALA A 95 -21.65 -23.43 43.73
N ALA A 96 -22.73 -23.49 44.53
CA ALA A 96 -22.71 -23.07 45.92
C ALA A 96 -21.41 -23.54 46.57
N SER A 97 -20.83 -24.68 46.09
CA SER A 97 -19.97 -25.50 46.92
C SER A 97 -18.46 -25.42 46.61
N SER A 98 -18.08 -25.08 45.39
CA SER A 98 -16.86 -24.28 45.30
C SER A 98 -17.14 -23.04 44.43
N PRO A 99 -17.34 -21.88 45.09
CA PRO A 99 -17.69 -20.68 44.36
C PRO A 99 -16.51 -20.26 43.50
N SER A 100 -16.86 -19.47 42.49
CA SER A 100 -18.22 -19.03 42.22
C SER A 100 -18.90 -20.04 41.32
N GLY A 101 -18.14 -20.71 40.47
CA GLY A 101 -18.73 -21.56 39.45
C GLY A 101 -17.88 -21.63 38.18
N ILE A 102 -18.10 -22.63 37.32
CA ILE A 102 -17.40 -22.87 36.05
C ILE A 102 -18.24 -22.33 34.90
N VAL A 103 -17.62 -21.65 33.90
CA VAL A 103 -18.26 -21.36 32.62
C VAL A 103 -17.58 -22.17 31.49
N GLN A 104 -18.34 -22.37 30.42
CA GLN A 104 -17.84 -22.97 29.21
C GLN A 104 -17.74 -21.83 28.21
N VAL A 105 -16.69 -21.92 27.40
CA VAL A 105 -16.42 -20.97 26.36
C VAL A 105 -16.26 -21.72 25.04
N GLN A 106 -17.08 -21.30 24.07
CA GLN A 106 -17.06 -21.89 22.75
C GLN A 106 -16.89 -20.77 21.70
N CYS A 107 -15.97 -20.95 20.76
CA CYS A 107 -15.91 -20.02 19.66
C CYS A 107 -16.19 -20.74 18.34
N SER A 108 -16.80 -19.98 17.44
CA SER A 108 -17.15 -20.35 16.10
C SER A 108 -16.05 -19.86 15.13
N ASP A 109 -16.03 -20.38 13.88
CA ASP A 109 -15.40 -19.77 12.71
C ASP A 109 -15.99 -18.39 12.46
N LEU A 110 -15.30 -17.55 11.67
CA LEU A 110 -15.90 -16.31 11.19
C LEU A 110 -16.06 -16.47 9.68
N CYS A 111 -17.10 -15.86 9.08
CA CYS A 111 -17.56 -16.12 7.72
C CYS A 111 -18.01 -14.81 7.11
N SER A 112 -17.65 -14.57 5.83
CA SER A 112 -18.13 -13.39 5.11
C SER A 112 -19.39 -13.73 4.33
N SER A 113 -19.99 -12.71 3.69
CA SER A 113 -21.10 -12.86 2.74
C SER A 113 -20.79 -13.91 1.66
N ALA A 114 -19.62 -13.75 1.02
CA ALA A 114 -19.15 -14.67 0.00
C ALA A 114 -18.99 -16.11 0.51
N GLY A 115 -18.84 -16.36 1.82
CA GLY A 115 -18.66 -17.71 2.32
C GLY A 115 -17.22 -18.11 2.41
N ASP A 116 -16.35 -17.11 2.64
CA ASP A 116 -14.98 -17.30 3.12
C ASP A 116 -14.88 -17.37 4.65
N ARG A 117 -13.83 -18.06 5.13
CA ARG A 117 -13.70 -18.47 6.52
C ARG A 117 -12.34 -18.07 7.16
N LEU A 118 -12.40 -17.61 8.42
CA LEU A 118 -11.30 -17.67 9.38
C LEU A 118 -11.65 -18.72 10.45
N VAL A 119 -10.85 -19.78 10.49
CA VAL A 119 -11.12 -21.00 11.21
C VAL A 119 -10.62 -20.91 12.66
N VAL A 120 -11.47 -21.32 13.64
CA VAL A 120 -11.01 -21.65 15.00
C VAL A 120 -9.75 -22.50 14.91
N GLY A 121 -8.66 -22.14 15.57
CA GLY A 121 -7.51 -23.04 15.66
C GLY A 121 -6.32 -22.51 14.88
N GLN A 122 -6.54 -22.05 13.65
CA GLN A 122 -5.41 -21.62 12.82
C GLN A 122 -5.37 -20.10 12.82
N SER A 123 -6.52 -19.52 12.56
CA SER A 123 -6.60 -18.07 12.62
C SER A 123 -6.93 -17.63 14.04
N LEU A 124 -8.01 -18.19 14.60
CA LEU A 124 -8.66 -17.72 15.80
C LEU A 124 -8.17 -18.50 17.02
N LYS A 125 -7.60 -17.83 18.03
CA LYS A 125 -7.12 -18.51 19.22
C LYS A 125 -7.56 -17.82 20.52
N LEU A 126 -7.57 -18.58 21.64
CA LEU A 126 -7.96 -18.02 22.95
C LEU A 126 -6.90 -18.32 24.00
N ARG A 127 -6.59 -17.34 24.86
CA ARG A 127 -5.58 -17.59 25.89
C ARG A 127 -6.07 -16.93 27.17
N ARG A 128 -5.78 -17.52 28.33
CA ARG A 128 -6.06 -16.86 29.59
C ARG A 128 -4.92 -15.89 29.91
N VAL A 129 -5.27 -14.74 30.51
CA VAL A 129 -4.31 -13.79 31.00
C VAL A 129 -4.08 -14.03 32.49
N VAL A 130 -2.84 -14.46 32.84
CA VAL A 130 -2.40 -14.88 34.14
C VAL A 130 -1.40 -13.85 34.65
N PRO A 131 -1.54 -13.36 35.90
CA PRO A 131 -0.54 -12.40 36.43
C PRO A 131 0.78 -13.08 36.73
N VAL A 132 1.86 -12.29 36.58
CA VAL A 132 3.26 -12.58 36.94
C VAL A 132 3.78 -11.43 37.84
N LEU A 133 4.29 -11.73 39.04
CA LEU A 133 4.54 -10.72 40.08
C LEU A 133 3.33 -9.81 40.29
N GLY A 134 2.13 -10.38 40.17
CA GLY A 134 0.91 -9.60 40.43
C GLY A 134 0.58 -8.68 39.26
N VAL A 135 1.27 -8.73 38.12
CA VAL A 135 0.84 -7.93 36.98
C VAL A 135 0.31 -8.85 35.92
N PRO A 136 -0.83 -8.54 35.23
CA PRO A 136 -1.27 -9.31 34.06
C PRO A 136 -0.11 -9.42 33.03
N ASP A 137 0.32 -10.65 32.63
CA ASP A 137 1.43 -10.78 31.69
C ASP A 137 1.47 -12.06 30.87
N ALA A 138 1.07 -13.23 31.41
CA ALA A 138 1.27 -14.53 30.76
C ALA A 138 0.04 -14.97 29.97
N LEU A 139 0.19 -15.39 28.72
CA LEU A 139 -0.95 -15.77 27.90
C LEU A 139 -0.91 -17.30 27.64
N VAL A 140 -1.75 -18.02 28.41
CA VAL A 140 -1.78 -19.48 28.48
C VAL A 140 -2.95 -20.00 27.64
N PRO A 141 -2.71 -20.97 26.73
CA PRO A 141 -3.79 -21.41 25.84
C PRO A 141 -4.94 -22.18 26.50
N LEU A 142 -6.09 -21.98 25.90
CA LEU A 142 -7.29 -22.73 26.17
C LEU A 142 -7.52 -23.68 25.01
N ASP A 143 -8.12 -24.86 25.33
CA ASP A 143 -8.57 -25.86 24.36
C ASP A 143 -9.64 -25.30 23.43
N LEU A 144 -9.50 -25.66 22.15
CA LEU A 144 -10.37 -25.15 21.10
C LEU A 144 -11.13 -26.32 20.46
N PRO A 145 -12.39 -26.19 20.01
CA PRO A 145 -13.16 -24.95 20.17
C PRO A 145 -13.95 -24.69 21.45
N VAL A 146 -13.81 -25.62 22.40
CA VAL A 146 -14.53 -25.58 23.66
C VAL A 146 -13.59 -25.74 24.85
N SER A 147 -13.71 -24.81 25.81
CA SER A 147 -12.87 -24.76 26.99
C SER A 147 -13.75 -24.47 28.21
N GLN A 148 -13.12 -24.59 29.39
CA GLN A 148 -13.75 -24.30 30.66
C GLN A 148 -12.84 -23.44 31.57
N LEU A 149 -13.47 -22.62 32.38
CA LEU A 149 -12.72 -21.67 33.17
C LEU A 149 -13.48 -21.56 34.51
N SER A 150 -12.76 -21.77 35.61
CA SER A 150 -13.16 -21.42 36.96
C SER A 150 -13.10 -19.92 37.21
N LEU A 151 -14.20 -19.38 37.74
CA LEU A 151 -14.32 -18.02 38.23
C LEU A 151 -14.39 -18.03 39.77
N PHE A 152 -13.62 -17.18 40.46
CA PHE A 152 -13.61 -17.03 41.89
C PHE A 152 -14.32 -15.75 42.29
N PRO A 153 -14.87 -15.70 43.50
CA PRO A 153 -15.55 -14.50 43.96
C PRO A 153 -14.62 -13.29 44.08
N GLY A 154 -15.03 -12.13 43.50
CA GLY A 154 -14.42 -10.83 43.76
C GLY A 154 -13.19 -10.57 42.87
N GLU A 155 -13.13 -11.30 41.76
CA GLU A 155 -12.01 -11.33 40.86
C GLU A 155 -12.54 -11.25 39.45
N THR A 156 -11.94 -10.33 38.65
CA THR A 156 -12.13 -10.25 37.24
C THR A 156 -11.10 -11.16 36.54
N SER A 157 -11.65 -12.07 35.72
CA SER A 157 -10.85 -13.08 35.05
C SER A 157 -10.92 -12.84 33.52
N VAL A 158 -9.78 -12.88 32.78
CA VAL A 158 -9.71 -12.32 31.45
C VAL A 158 -9.18 -13.31 30.43
N ILE A 159 -9.61 -13.11 29.20
CA ILE A 159 -9.25 -13.98 28.09
C ILE A 159 -8.83 -13.10 26.92
N TRP A 160 -7.73 -13.49 26.31
CA TRP A 160 -7.13 -12.78 25.19
C TRP A 160 -7.53 -13.53 23.91
N VAL A 161 -8.27 -12.86 23.06
CA VAL A 161 -8.69 -13.40 21.78
C VAL A 161 -7.88 -12.73 20.69
N SER A 162 -7.21 -13.57 19.87
CA SER A 162 -6.33 -13.12 18.81
C SER A 162 -6.78 -13.74 17.48
N ILE A 163 -6.67 -12.99 16.36
CA ILE A 163 -7.10 -13.51 15.08
C ILE A 163 -5.97 -13.24 14.12
N ASP A 164 -5.39 -14.29 13.56
CA ASP A 164 -4.33 -14.20 12.56
C ASP A 164 -4.98 -14.29 11.16
N VAL A 165 -4.87 -13.24 10.33
CA VAL A 165 -5.40 -13.22 9.00
C VAL A 165 -4.31 -13.67 8.04
N PRO A 166 -4.51 -14.79 7.31
CA PRO A 166 -3.55 -15.17 6.28
C PRO A 166 -3.26 -14.09 5.26
N THR A 167 -2.04 -14.17 4.76
CA THR A 167 -1.60 -13.39 3.61
C THR A 167 -2.49 -13.53 2.37
N GLY A 168 -3.06 -14.73 2.11
CA GLY A 168 -3.95 -14.95 0.98
C GLY A 168 -5.42 -14.63 1.26
N GLN A 169 -5.78 -14.01 2.37
CA GLN A 169 -7.17 -14.08 2.78
C GLN A 169 -7.94 -13.02 1.99
N PRO A 170 -9.16 -13.35 1.40
CA PRO A 170 -9.99 -12.39 0.68
C PRO A 170 -10.50 -11.34 1.66
N PRO A 171 -10.45 -10.05 1.26
CA PRO A 171 -11.11 -8.97 1.99
C PRO A 171 -12.61 -9.16 2.13
N GLY A 172 -13.22 -8.43 3.06
CA GLY A 172 -14.62 -8.58 3.33
C GLY A 172 -14.86 -8.43 4.82
N GLN A 173 -16.16 -8.23 5.13
CA GLN A 173 -16.71 -8.25 6.47
C GLN A 173 -17.01 -9.69 6.92
N TYR A 174 -16.24 -10.19 7.90
CA TYR A 174 -16.38 -11.51 8.51
C TYR A 174 -17.06 -11.38 9.89
N GLU A 175 -17.84 -12.41 10.28
CA GLU A 175 -18.71 -12.30 11.44
C GLU A 175 -18.80 -13.63 12.16
N GLY A 176 -18.99 -13.55 13.47
CA GLY A 176 -19.00 -14.74 14.30
C GLY A 176 -19.47 -14.43 15.73
N GLU A 177 -19.19 -15.43 16.60
CA GLU A 177 -19.76 -15.53 17.93
C GLU A 177 -18.83 -16.30 18.85
N ILE A 178 -18.77 -15.81 20.09
CA ILE A 178 -18.19 -16.55 21.21
C ILE A 178 -19.31 -16.68 22.20
N ILE A 179 -19.46 -17.92 22.69
CA ILE A 179 -20.56 -18.33 23.54
C ILE A 179 -20.05 -18.74 24.93
N ILE A 180 -20.56 -18.03 25.94
CA ILE A 180 -20.25 -18.25 27.36
C ILE A 180 -21.46 -18.84 28.10
N SER A 181 -21.30 -19.98 28.79
CA SER A 181 -22.43 -20.66 29.39
C SER A 181 -22.05 -21.03 30.83
N ALA A 182 -22.82 -20.54 31.80
CA ALA A 182 -22.59 -21.04 33.15
C ALA A 182 -22.92 -22.53 33.19
N MET A 183 -22.13 -23.32 33.92
CA MET A 183 -22.30 -24.76 34.00
C MET A 183 -22.57 -25.18 35.43
N LYS A 184 -23.24 -26.35 35.60
CA LYS A 184 -23.49 -27.03 36.87
C LYS A 184 -22.45 -28.12 37.16
N THR A 185 -21.78 -28.16 38.34
CA THR A 185 -20.83 -29.23 38.62
C THR A 185 -21.04 -29.87 40.01
N ASP A 259 -23.90 -30.79 24.29
CA ASP A 259 -23.70 -29.32 24.18
C ASP A 259 -24.48 -28.68 25.33
N VAL A 260 -23.82 -27.71 25.96
CA VAL A 260 -24.29 -26.97 27.13
C VAL A 260 -24.97 -25.68 26.69
N VAL A 261 -24.89 -25.36 25.39
CA VAL A 261 -25.49 -24.16 24.81
C VAL A 261 -27.02 -24.16 24.87
N SER A 262 -27.61 -23.01 25.25
CA SER A 262 -29.05 -22.88 25.33
C SER A 262 -29.38 -21.41 25.18
N ASN A 263 -30.69 -21.15 25.26
CA ASN A 263 -31.25 -19.80 25.24
C ASN A 263 -30.68 -19.03 26.44
N LEU A 264 -30.10 -19.75 27.40
CA LEU A 264 -29.56 -19.24 28.66
C LEU A 264 -28.11 -18.75 28.51
N SER A 265 -27.49 -19.08 27.37
CA SER A 265 -26.11 -18.76 27.09
C SER A 265 -25.93 -17.29 26.69
N LEU A 266 -24.72 -16.75 26.92
CA LEU A 266 -24.43 -15.39 26.49
C LEU A 266 -23.62 -15.41 25.19
N ARG A 267 -24.01 -14.56 24.23
CA ARG A 267 -23.45 -14.58 22.89
C ARG A 267 -22.68 -13.29 22.71
N ILE A 268 -21.39 -13.38 22.36
CA ILE A 268 -20.66 -12.17 22.07
C ILE A 268 -20.53 -12.10 20.56
N LYS A 269 -20.93 -10.94 20.03
CA LYS A 269 -20.96 -10.79 18.60
C LYS A 269 -19.64 -10.15 18.14
N LEU A 270 -18.90 -10.87 17.28
CA LEU A 270 -17.67 -10.40 16.65
C LEU A 270 -17.93 -10.09 15.19
N ARG A 271 -17.25 -9.02 14.75
CA ARG A 271 -17.37 -8.52 13.40
C ARG A 271 -15.99 -8.04 13.04
N LEU A 272 -15.35 -8.60 12.01
CA LEU A 272 -14.02 -8.17 11.57
C LEU A 272 -14.02 -7.80 10.10
N THR A 273 -13.50 -6.61 9.76
CA THR A 273 -13.28 -6.15 8.40
C THR A 273 -11.82 -6.43 8.01
N VAL A 274 -11.66 -7.31 7.00
CA VAL A 274 -10.35 -7.61 6.42
C VAL A 274 -10.17 -6.67 5.21
N TRP A 275 -9.09 -5.89 5.19
CA TRP A 275 -8.99 -4.93 4.10
C TRP A 275 -7.78 -5.28 3.21
N GLU A 276 -7.56 -4.44 2.20
CA GLU A 276 -6.78 -4.75 1.00
C GLU A 276 -5.28 -4.81 1.32
N PHE A 277 -4.78 -3.96 2.24
CA PHE A 277 -3.37 -4.05 2.65
C PHE A 277 -3.02 -5.49 3.06
N ILE A 278 -1.87 -5.97 2.49
CA ILE A 278 -1.06 -7.06 2.96
C ILE A 278 0.17 -6.50 3.71
N ILE A 279 0.24 -6.69 5.02
CA ILE A 279 1.43 -6.36 5.76
C ILE A 279 2.57 -7.17 5.14
N PRO A 280 3.74 -6.55 4.82
CA PRO A 280 4.79 -7.26 4.10
C PRO A 280 5.13 -8.56 4.82
N VAL A 281 5.34 -9.63 4.03
CA VAL A 281 5.76 -10.90 4.63
C VAL A 281 7.13 -10.81 5.31
N THR A 282 8.06 -10.01 4.72
CA THR A 282 9.35 -9.72 5.31
C THR A 282 9.30 -8.40 6.07
N PRO A 283 9.46 -8.38 7.41
CA PRO A 283 9.32 -7.14 8.16
C PRO A 283 10.16 -6.00 7.57
N SER A 284 9.51 -4.82 7.36
CA SER A 284 10.21 -3.61 6.91
C SER A 284 11.24 -3.11 7.93
N LEU A 285 11.06 -3.44 9.23
CA LEU A 285 12.05 -3.10 10.25
C LEU A 285 12.65 -4.39 10.82
N PRO A 286 13.96 -4.70 10.58
CA PRO A 286 14.62 -5.80 11.28
C PRO A 286 14.65 -5.49 12.78
N ALA A 287 13.92 -6.31 13.54
CA ALA A 287 13.90 -6.31 14.99
C ALA A 287 14.56 -7.56 15.50
N VAL A 288 15.85 -7.48 15.79
CA VAL A 288 16.65 -8.64 16.15
C VAL A 288 16.62 -8.81 17.68
N ILE A 289 16.37 -10.05 18.14
CA ILE A 289 15.98 -10.32 19.51
C ILE A 289 16.87 -11.45 19.96
N GLY A 290 17.63 -11.27 21.02
CA GLY A 290 18.48 -12.35 21.48
C GLY A 290 17.77 -13.44 22.32
N VAL A 291 18.29 -14.66 22.18
CA VAL A 291 17.84 -15.82 22.90
C VAL A 291 19.08 -16.51 23.48
N SER A 292 19.12 -16.64 24.81
CA SER A 292 20.26 -17.19 25.55
C SER A 292 20.22 -18.71 25.47
N ASP A 293 21.37 -19.25 25.02
CA ASP A 293 21.49 -20.68 24.80
C ASP A 293 21.86 -21.34 26.15
N THR A 294 22.66 -20.68 26.97
CA THR A 294 22.86 -21.16 28.33
C THR A 294 21.50 -21.44 29.02
N VAL A 295 20.55 -20.52 28.87
CA VAL A 295 19.32 -20.63 29.63
C VAL A 295 18.64 -21.90 29.17
N ILE A 296 18.59 -22.11 27.86
CA ILE A 296 17.98 -23.33 27.33
C ILE A 296 18.69 -24.60 27.79
N GLU A 297 20.03 -24.60 27.81
CA GLU A 297 20.86 -25.74 28.20
C GLU A 297 20.62 -26.14 29.66
N ASP A 298 20.63 -25.15 30.55
CA ASP A 298 20.36 -25.37 31.97
C ASP A 298 18.88 -25.74 32.21
N ARG A 299 17.92 -24.96 31.75
CA ARG A 299 16.55 -25.19 32.13
C ARG A 299 15.98 -26.47 31.49
N PHE A 300 16.26 -26.69 30.20
CA PHE A 300 15.69 -27.85 29.52
C PHE A 300 16.63 -29.07 29.61
N ALA A 301 17.75 -28.91 30.34
CA ALA A 301 18.76 -29.93 30.58
C ALA A 301 19.16 -30.63 29.26
N VAL A 302 19.71 -29.85 28.31
CA VAL A 302 20.15 -30.35 26.99
C VAL A 302 21.59 -29.88 26.75
N GLU A 303 22.48 -30.82 26.46
CA GLU A 303 23.90 -30.51 26.41
C GLU A 303 24.13 -29.80 25.08
N HIS A 304 24.90 -28.70 25.12
CA HIS A 304 25.23 -27.91 23.93
C HIS A 304 25.74 -28.85 22.83
N GLY A 305 25.20 -28.77 21.60
CA GLY A 305 25.65 -29.59 20.49
C GLY A 305 24.82 -30.85 20.23
N SER A 306 24.06 -31.33 21.22
CA SER A 306 23.39 -32.64 21.17
C SER A 306 22.22 -32.63 20.21
N GLU A 307 21.62 -33.80 19.98
CA GLU A 307 20.55 -33.96 19.01
C GLU A 307 19.30 -33.26 19.56
N ASP A 308 19.17 -33.32 20.86
CA ASP A 308 18.01 -32.80 21.58
C ASP A 308 18.11 -31.27 21.72
N TRP A 309 19.35 -30.75 21.72
CA TRP A 309 19.63 -29.33 21.77
C TRP A 309 19.17 -28.69 20.46
N TYR A 310 19.53 -29.29 19.33
CA TYR A 310 19.08 -28.81 18.03
C TYR A 310 17.55 -28.78 17.95
N LYS A 311 16.86 -29.74 18.60
CA LYS A 311 15.40 -29.78 18.57
C LYS A 311 14.81 -28.59 19.36
N LYS A 312 15.39 -28.27 20.51
CA LYS A 312 14.88 -27.20 21.34
C LYS A 312 15.11 -25.82 20.70
N LEU A 313 16.29 -25.54 20.11
CA LEU A 313 16.54 -24.26 19.41
C LEU A 313 15.61 -24.14 18.19
N ASP A 314 15.34 -25.22 17.50
CA ASP A 314 14.42 -25.21 16.37
C ASP A 314 12.99 -24.83 16.81
N LEU A 315 12.58 -25.39 17.98
CA LEU A 315 11.25 -25.15 18.53
C LEU A 315 11.09 -23.64 18.80
N HIS A 316 12.06 -23.04 19.50
CA HIS A 316 12.20 -21.62 19.79
C HIS A 316 12.21 -20.77 18.52
N PHE A 317 13.19 -21.06 17.64
CA PHE A 317 13.34 -20.30 16.41
C PHE A 317 12.05 -20.19 15.62
N LYS A 318 11.34 -21.31 15.43
CA LYS A 318 10.09 -21.32 14.66
C LYS A 318 8.94 -20.62 15.39
N TRP A 319 8.89 -20.72 16.71
CA TRP A 319 7.78 -20.12 17.44
C TRP A 319 7.91 -18.60 17.35
N LEU A 320 9.17 -18.13 17.53
CA LEU A 320 9.45 -16.69 17.59
C LEU A 320 9.16 -15.95 16.27
N LEU A 321 9.15 -16.60 15.07
CA LEU A 321 9.05 -15.89 13.79
C LEU A 321 7.69 -15.23 13.58
N GLN A 322 6.71 -15.69 14.35
CA GLN A 322 5.35 -15.26 14.17
C GLN A 322 5.18 -13.85 14.73
N TYR A 323 6.22 -13.34 15.42
CA TYR A 323 6.11 -12.02 16.10
C TYR A 323 6.81 -10.89 15.33
N ARG A 324 7.19 -11.16 14.06
CA ARG A 324 7.81 -10.17 13.20
C ARG A 324 9.20 -9.76 13.68
N ILE A 325 9.88 -10.72 14.30
CA ILE A 325 11.23 -10.54 14.79
C ILE A 325 12.16 -11.59 14.15
N SER A 326 13.45 -11.30 14.31
CA SER A 326 14.59 -12.02 13.76
C SER A 326 15.45 -12.47 14.92
N PRO A 327 15.17 -13.67 15.47
CA PRO A 327 15.94 -14.18 16.61
C PRO A 327 17.43 -14.43 16.32
N TYR A 328 18.24 -14.41 17.35
CA TYR A 328 19.59 -14.94 17.28
C TYR A 328 19.88 -15.57 18.64
N PHE A 329 20.48 -16.75 18.66
CA PHE A 329 20.99 -17.27 19.93
C PHE A 329 22.24 -16.47 20.34
N CYS A 330 22.63 -16.52 21.61
CA CYS A 330 23.64 -15.60 22.14
C CYS A 330 24.31 -16.22 23.36
N LYS A 331 25.65 -16.40 23.29
CA LYS A 331 26.46 -16.73 24.47
C LYS A 331 27.37 -15.51 24.72
N TRP A 332 27.44 -15.06 25.98
CA TRP A 332 28.29 -13.93 26.37
C TRP A 332 29.68 -14.39 26.80
N GLY A 333 30.68 -13.54 26.57
CA GLY A 333 32.06 -13.97 26.59
C GLY A 333 32.89 -13.07 27.48
N GLU A 334 34.21 -13.29 27.47
CA GLU A 334 35.19 -12.50 28.21
C GLU A 334 34.94 -11.05 27.78
N SER A 335 34.66 -10.18 28.75
CA SER A 335 34.57 -8.73 28.57
C SER A 335 33.38 -8.24 27.73
N MET A 336 32.34 -9.11 27.57
CA MET A 336 31.06 -8.98 26.86
C MET A 336 31.21 -9.04 25.34
N ARG A 337 32.30 -9.62 24.85
CA ARG A 337 32.21 -10.31 23.56
C ARG A 337 30.91 -11.12 23.52
N VAL A 338 30.45 -11.37 22.30
CA VAL A 338 29.28 -12.20 22.18
C VAL A 338 29.54 -13.08 20.98
N LEU A 339 29.20 -14.34 21.18
CA LEU A 339 28.88 -15.26 20.12
C LEU A 339 27.36 -15.22 19.88
N THR A 340 26.97 -14.88 18.65
CA THR A 340 25.59 -14.68 18.27
C THR A 340 25.35 -15.45 16.97
N TYR A 341 24.20 -16.12 16.85
CA TYR A 341 23.96 -17.01 15.72
C TYR A 341 22.46 -17.29 15.54
N THR A 342 21.93 -16.98 14.39
CA THR A 342 20.53 -17.33 14.18
C THR A 342 20.32 -18.84 13.98
N SER A 343 21.23 -19.46 13.19
CA SER A 343 21.14 -20.85 12.77
C SER A 343 22.25 -21.62 13.45
N PRO A 344 21.90 -22.65 14.25
CA PRO A 344 22.93 -23.48 14.92
C PRO A 344 23.51 -24.50 13.93
N TRP A 345 22.85 -24.67 12.77
CA TRP A 345 23.25 -25.59 11.70
C TRP A 345 24.51 -25.07 10.97
N PRO A 346 25.39 -25.94 10.41
CA PRO A 346 26.48 -25.44 9.59
C PRO A 346 25.82 -24.93 8.31
N ALA A 347 26.53 -23.97 7.68
CA ALA A 347 26.06 -23.32 6.49
C ALA A 347 25.86 -24.33 5.37
N ASP A 348 26.52 -25.49 5.50
CA ASP A 348 26.39 -26.63 4.57
C ASP A 348 25.01 -27.31 4.62
N HIS A 349 24.45 -27.43 5.82
CA HIS A 349 23.27 -28.23 6.07
C HIS A 349 22.05 -27.65 5.35
N PRO A 350 21.11 -28.51 4.95
CA PRO A 350 19.87 -28.01 4.37
C PRO A 350 18.94 -27.29 5.33
N LYS A 351 19.16 -27.51 6.64
CA LYS A 351 18.48 -26.73 7.67
C LYS A 351 18.94 -25.26 7.68
N SER A 352 20.24 -24.98 7.44
CA SER A 352 20.71 -23.60 7.32
C SER A 352 19.89 -22.76 6.31
N ASP A 353 19.63 -23.27 5.10
CA ASP A 353 18.87 -22.51 4.12
C ASP A 353 17.39 -22.45 4.42
N GLU A 354 16.88 -23.47 5.11
CA GLU A 354 15.49 -23.52 5.57
C GLU A 354 15.26 -22.37 6.58
N TYR A 355 16.21 -22.17 7.48
CA TYR A 355 16.15 -20.98 8.34
C TYR A 355 16.28 -19.69 7.49
N LEU A 356 17.42 -19.56 6.79
CA LEU A 356 17.98 -18.26 6.46
C LEU A 356 17.26 -17.62 5.30
N SER A 357 16.59 -18.39 4.45
CA SER A 357 15.84 -17.80 3.35
C SER A 357 14.34 -17.80 3.58
N ASP A 358 13.87 -18.06 4.81
CA ASP A 358 12.51 -17.82 5.27
C ASP A 358 12.16 -16.35 5.07
N SER A 359 11.10 -16.10 4.31
CA SER A 359 10.60 -14.75 4.07
C SER A 359 10.34 -13.93 5.34
N ARG A 360 9.94 -14.60 6.44
CA ARG A 360 9.62 -13.97 7.69
C ARG A 360 10.82 -13.39 8.42
N LEU A 361 12.01 -13.82 8.02
CA LEU A 361 13.23 -13.54 8.75
C LEU A 361 13.99 -12.45 8.00
N ALA A 362 14.05 -11.23 8.59
CA ALA A 362 14.57 -10.03 7.94
C ALA A 362 16.09 -9.89 8.08
N ALA A 363 16.69 -10.57 9.07
CA ALA A 363 18.10 -10.40 9.35
C ALA A 363 18.57 -11.60 10.18
N TYR A 364 19.85 -12.01 10.03
CA TYR A 364 20.38 -13.18 10.71
C TYR A 364 21.84 -12.98 11.13
N ALA A 365 22.16 -13.49 12.34
CA ALA A 365 23.49 -13.38 12.89
C ALA A 365 24.34 -14.55 12.40
N VAL A 366 25.58 -14.24 12.03
CA VAL A 366 26.55 -15.24 11.59
C VAL A 366 27.68 -15.30 12.60
N PRO A 367 27.88 -16.46 13.19
CA PRO A 367 28.90 -16.53 14.24
C PRO A 367 30.36 -16.42 13.74
N TYR A 368 31.11 -15.65 14.53
CA TYR A 368 32.53 -15.41 14.41
C TYR A 368 33.40 -16.64 14.75
N ARG A 369 33.06 -17.36 15.84
CA ARG A 369 33.70 -18.61 16.25
C ARG A 369 32.78 -19.80 15.98
N GLN A 370 33.34 -21.03 16.08
CA GLN A 370 32.54 -22.25 15.92
C GLN A 370 31.54 -22.33 17.07
N VAL A 371 30.29 -22.71 16.71
CA VAL A 371 29.21 -22.93 17.66
C VAL A 371 29.52 -24.21 18.44
N ILE A 372 29.53 -25.34 17.70
CA ILE A 372 29.97 -26.67 18.15
C ILE A 372 31.49 -26.79 18.01
N ALA A 373 32.17 -27.39 18.99
CA ALA A 373 33.61 -27.65 18.89
C ALA A 373 33.99 -28.40 17.60
N GLY A 374 35.14 -28.04 17.01
CA GLY A 374 35.62 -28.77 15.84
C GLY A 374 37.12 -29.03 15.86
N ASP A 375 37.55 -29.74 14.80
CA ASP A 375 38.96 -29.96 14.54
C ASP A 375 39.62 -28.70 13.95
N ASP A 376 38.83 -27.74 13.45
CA ASP A 376 39.39 -26.60 12.74
C ASP A 376 39.82 -25.52 13.74
N SER A 377 40.56 -24.51 13.22
CA SER A 377 40.76 -23.24 13.91
C SER A 377 39.63 -22.30 13.48
N ARG A 378 39.39 -21.23 14.28
CA ARG A 378 38.28 -20.29 14.08
C ARG A 378 38.46 -19.54 12.76
N GLU A 379 39.73 -19.22 12.43
CA GLU A 379 40.12 -18.53 11.20
C GLU A 379 39.71 -19.37 9.97
N SER A 380 40.20 -20.64 9.99
CA SER A 380 39.81 -21.74 9.10
C SER A 380 38.28 -21.94 8.93
N TYR A 381 37.52 -22.11 10.03
CA TYR A 381 36.05 -22.27 9.95
C TYR A 381 35.35 -21.03 9.37
N LEU A 382 35.81 -19.83 9.80
CA LEU A 382 35.11 -18.64 9.41
C LEU A 382 35.23 -18.48 7.90
N ARG A 383 36.47 -18.67 7.35
CA ARG A 383 36.64 -18.60 5.90
C ARG A 383 35.59 -19.46 5.18
N LYS A 384 35.38 -20.67 5.70
CA LYS A 384 34.66 -21.68 4.97
C LYS A 384 33.17 -21.32 5.05
N GLU A 385 32.74 -20.81 6.23
CA GLU A 385 31.33 -20.51 6.45
C GLU A 385 30.89 -19.30 5.62
N VAL A 386 31.74 -18.26 5.65
CA VAL A 386 31.47 -17.08 4.85
C VAL A 386 31.50 -17.41 3.35
N GLU A 387 32.41 -18.29 2.91
CA GLU A 387 32.49 -18.57 1.50
C GLU A 387 31.18 -19.14 0.99
N ILE A 388 30.54 -20.03 1.76
CA ILE A 388 29.24 -20.61 1.39
C ILE A 388 28.14 -19.54 1.37
N LEU A 389 28.04 -18.79 2.48
CA LEU A 389 26.90 -17.95 2.78
C LEU A 389 26.78 -16.84 1.75
N ARG A 390 27.95 -16.24 1.44
CA ARG A 390 27.97 -15.09 0.53
C ARG A 390 27.46 -15.48 -0.86
N SER A 391 27.55 -16.78 -1.23
CA SER A 391 27.04 -17.36 -2.49
C SER A 391 25.52 -17.43 -2.52
N LYS A 392 24.84 -17.35 -1.34
CA LYS A 392 23.40 -17.58 -1.31
C LYS A 392 22.65 -16.29 -1.53
N PRO A 393 21.40 -16.37 -2.08
CA PRO A 393 20.55 -15.20 -2.33
C PRO A 393 20.09 -14.43 -1.07
N HIS A 394 20.28 -15.03 0.13
CA HIS A 394 19.91 -14.43 1.41
C HIS A 394 21.07 -13.68 2.11
N TRP A 395 22.22 -13.57 1.48
CA TRP A 395 23.40 -13.01 2.14
C TRP A 395 23.19 -11.55 2.53
N ASN A 396 22.28 -10.87 1.78
CA ASN A 396 21.95 -9.46 2.03
C ASN A 396 21.33 -9.25 3.46
N LYS A 397 20.73 -10.32 4.05
CA LYS A 397 20.21 -10.34 5.40
C LYS A 397 21.24 -10.60 6.48
N ALA A 398 22.45 -11.00 6.11
CA ALA A 398 23.47 -11.33 7.11
C ALA A 398 24.01 -10.09 7.81
N TYR A 399 24.28 -10.22 9.14
CA TYR A 399 25.11 -9.33 9.92
C TYR A 399 25.96 -10.13 10.92
N PHE A 400 26.96 -9.48 11.51
CA PHE A 400 27.80 -10.08 12.53
C PHE A 400 27.77 -9.19 13.77
N TYR A 401 27.50 -9.77 14.97
CA TYR A 401 27.39 -9.00 16.19
C TYR A 401 28.43 -9.58 17.14
N LEU A 402 29.52 -8.80 17.32
CA LEU A 402 30.78 -9.29 17.90
C LEU A 402 30.97 -8.85 19.33
N TRP A 403 30.42 -7.67 19.68
CA TRP A 403 30.67 -7.13 21.00
C TRP A 403 29.45 -6.31 21.54
N ASP A 404 29.13 -6.60 22.80
CA ASP A 404 28.07 -5.98 23.53
C ASP A 404 28.64 -4.85 24.37
N GLU A 405 28.43 -3.60 23.91
CA GLU A 405 28.79 -2.43 24.68
C GLU A 405 30.28 -2.42 25.05
N PRO A 406 31.14 -2.20 24.05
CA PRO A 406 32.52 -1.81 24.31
C PRO A 406 32.54 -0.56 25.16
N LEU A 407 33.38 -0.57 26.19
CA LEU A 407 33.43 0.43 27.24
C LEU A 407 34.66 1.29 27.12
N ASN A 408 35.75 0.69 26.58
CA ASN A 408 37.09 1.30 26.62
C ASN A 408 37.85 0.99 25.34
N MET A 409 39.07 1.50 25.23
CA MET A 409 39.68 1.62 23.91
C MET A 409 40.00 0.24 23.36
N GLU A 410 40.43 -0.66 24.25
CA GLU A 410 40.87 -2.00 23.86
C GLU A 410 39.75 -2.76 23.13
N HIS A 411 38.49 -2.56 23.60
CA HIS A 411 37.27 -3.19 23.11
C HIS A 411 36.91 -2.69 21.70
N PHE A 412 37.02 -1.36 21.55
CA PHE A 412 36.79 -0.71 20.28
C PHE A 412 37.83 -1.21 19.27
N ASP A 413 39.10 -1.28 19.70
CA ASP A 413 40.17 -1.90 18.93
C ASP A 413 39.91 -3.34 18.52
N ASN A 414 39.49 -4.17 19.50
CA ASN A 414 39.15 -5.55 19.23
C ASN A 414 38.08 -5.59 18.11
N VAL A 415 37.11 -4.67 18.14
CA VAL A 415 36.05 -4.81 17.14
C VAL A 415 36.65 -4.64 15.74
N ARG A 416 37.57 -3.67 15.64
CA ARG A 416 38.19 -3.30 14.37
C ARG A 416 39.01 -4.49 13.82
N LYS A 417 39.80 -5.17 14.68
CA LYS A 417 40.63 -6.31 14.29
C LYS A 417 39.71 -7.40 13.80
N MET A 418 38.73 -7.74 14.67
CA MET A 418 37.82 -8.83 14.31
C MET A 418 37.05 -8.48 13.04
N ALA A 419 36.55 -7.23 12.86
CA ALA A 419 35.81 -6.84 11.65
C ALA A 419 36.65 -7.10 10.38
N SER A 420 37.96 -6.72 10.38
CA SER A 420 38.83 -6.81 9.18
C SER A 420 39.22 -8.25 8.85
N GLU A 421 39.48 -9.09 9.89
CA GLU A 421 39.51 -10.53 9.69
C GLU A 421 38.37 -10.90 8.71
N ILE A 422 37.14 -10.35 8.91
CA ILE A 422 35.92 -10.79 8.23
C ILE A 422 35.84 -10.19 6.84
N TYR A 423 36.28 -8.92 6.72
CA TYR A 423 36.16 -8.21 5.44
C TYR A 423 37.05 -8.89 4.40
N ALA A 424 38.16 -9.50 4.87
CA ALA A 424 39.08 -10.26 4.01
C ALA A 424 38.40 -11.44 3.32
N TYR A 425 37.42 -12.12 3.94
CA TYR A 425 36.65 -13.18 3.29
C TYR A 425 35.44 -12.63 2.51
N ALA A 426 34.83 -11.53 2.93
CA ALA A 426 33.82 -10.86 2.13
C ALA A 426 33.73 -9.42 2.60
N PRO A 427 34.17 -8.48 1.75
CA PRO A 427 34.20 -7.07 2.14
C PRO A 427 32.85 -6.36 2.36
N ASP A 428 31.76 -6.89 1.80
CA ASP A 428 30.41 -6.33 2.00
C ASP A 428 29.75 -6.82 3.31
N SER A 429 30.52 -7.50 4.19
CA SER A 429 29.99 -7.98 5.45
C SER A 429 29.45 -6.79 6.26
N ARG A 430 28.27 -6.97 6.90
CA ARG A 430 27.74 -5.95 7.80
C ARG A 430 28.01 -6.32 9.25
N VAL A 431 28.85 -5.51 9.94
CA VAL A 431 29.11 -5.66 11.34
C VAL A 431 28.27 -4.70 12.21
N LEU A 432 27.58 -5.27 13.23
CA LEU A 432 26.74 -4.54 14.15
C LEU A 432 27.42 -4.47 15.51
N THR A 433 27.38 -3.25 16.08
CA THR A 433 27.95 -2.93 17.37
C THR A 433 26.93 -2.10 18.16
N THR A 434 26.70 -2.59 19.42
CA THR A 434 25.86 -1.96 20.40
C THR A 434 26.73 -1.14 21.32
N TYR A 435 26.37 0.13 21.54
CA TYR A 435 27.07 0.97 22.49
C TYR A 435 26.17 2.05 23.10
N TYR A 436 26.54 2.47 24.31
CA TYR A 436 25.91 3.61 24.93
C TYR A 436 26.91 4.73 25.28
N CYS A 437 28.19 4.51 24.98
CA CYS A 437 29.27 5.40 25.39
C CYS A 437 30.47 5.31 24.43
N GLY A 438 31.33 6.32 24.50
CA GLY A 438 32.61 6.25 23.83
C GLY A 438 33.60 5.62 24.79
N PRO A 439 34.90 5.51 24.44
CA PRO A 439 35.86 4.87 25.35
C PRO A 439 36.06 5.68 26.65
N GLY A 440 35.87 5.01 27.78
CA GLY A 440 35.95 5.67 29.07
C GLY A 440 37.33 6.22 29.39
N ASP A 441 38.36 5.41 29.13
CA ASP A 441 39.75 5.76 29.38
C ASP A 441 40.34 6.70 28.32
N ALA A 442 39.70 6.95 27.17
CA ALA A 442 40.25 7.85 26.16
C ALA A 442 39.13 8.65 25.47
N PRO A 443 38.50 9.60 26.19
CA PRO A 443 37.31 10.27 25.67
C PRO A 443 37.59 10.79 24.28
N LEU A 444 36.60 10.79 23.41
CA LEU A 444 36.74 11.37 22.08
C LEU A 444 36.29 12.84 22.00
N ALA A 445 35.95 13.42 23.17
CA ALA A 445 35.50 14.78 23.28
C ALA A 445 35.34 15.09 24.78
N PRO A 446 35.13 16.40 25.11
CA PRO A 446 35.14 16.91 26.48
C PRO A 446 33.97 16.54 27.39
N THR A 447 32.92 15.92 26.80
CA THR A 447 31.78 15.37 27.56
C THR A 447 31.39 13.99 27.07
N PRO A 448 30.64 13.25 27.92
CA PRO A 448 30.14 11.91 27.58
C PRO A 448 29.25 11.83 26.36
N PHE A 449 28.27 12.74 26.29
CA PHE A 449 27.35 12.64 25.17
C PHE A 449 28.10 12.89 23.86
N GLU A 450 28.96 13.92 23.80
CA GLU A 450 29.74 14.21 22.59
C GLU A 450 30.81 13.16 22.31
N SER A 451 31.40 12.51 23.33
CA SER A 451 32.29 11.39 23.07
C SER A 451 31.45 10.25 22.42
N PHE A 452 30.24 9.97 22.96
CA PHE A 452 29.31 9.01 22.40
C PHE A 452 28.97 9.26 20.91
N VAL A 453 28.74 10.52 20.57
CA VAL A 453 28.36 10.94 19.23
C VAL A 453 29.48 10.73 18.20
N LYS A 454 30.74 10.73 18.69
CA LYS A 454 31.92 10.63 17.86
C LYS A 454 32.32 9.16 17.60
N VAL A 455 31.51 8.19 18.02
CA VAL A 455 31.97 6.82 18.01
C VAL A 455 32.11 6.30 16.58
N PRO A 456 31.16 6.59 15.69
CA PRO A 456 31.35 6.25 14.26
C PRO A 456 32.74 6.63 13.68
N ASN A 457 33.30 7.79 14.12
CA ASN A 457 34.57 8.33 13.58
C ASN A 457 35.74 7.43 14.01
N LEU A 458 35.66 6.90 15.23
CA LEU A 458 36.66 6.00 15.76
C LEU A 458 36.57 4.62 15.10
N LEU A 459 35.42 4.17 14.56
CA LEU A 459 35.30 2.77 14.13
C LEU A 459 35.22 2.67 12.63
N ARG A 460 34.84 3.76 11.95
CA ARG A 460 34.72 3.75 10.48
C ARG A 460 36.00 3.23 9.80
N PRO A 461 35.97 2.34 8.77
CA PRO A 461 34.76 1.66 8.27
C PRO A 461 34.48 0.24 8.81
N TYR A 462 34.88 0.00 10.09
CA TYR A 462 34.82 -1.33 10.73
C TYR A 462 33.55 -1.55 11.60
N THR A 463 32.45 -0.79 11.33
CA THR A 463 31.10 -1.09 11.78
C THR A 463 30.12 -0.47 10.79
N GLN A 464 29.10 -1.26 10.39
CA GLN A 464 28.09 -0.82 9.44
C GLN A 464 26.76 -0.46 10.11
N ILE A 465 26.46 -1.08 11.29
CA ILE A 465 25.20 -0.86 12.01
C ILE A 465 25.50 -0.33 13.40
N TYR A 466 25.22 0.96 13.60
CA TYR A 466 25.56 1.64 14.84
C TYR A 466 24.27 1.58 15.66
N CYS A 467 24.27 0.65 16.63
CA CYS A 467 23.09 0.35 17.39
C CYS A 467 23.31 0.96 18.78
N THR A 468 22.53 2.00 19.11
CA THR A 468 22.74 2.86 20.27
C THR A 468 21.58 2.71 21.27
N SER A 469 21.95 2.84 22.55
CA SER A 469 21.05 2.85 23.68
C SER A 469 20.21 4.11 23.63
N GLU A 470 18.90 3.89 23.62
CA GLU A 470 17.94 4.98 23.68
C GLU A 470 18.02 5.79 24.97
N TRP A 471 18.26 5.17 26.13
CA TRP A 471 18.37 5.88 27.40
CA TRP A 471 18.39 5.87 27.43
C TRP A 471 19.30 7.08 27.27
N VAL A 472 20.31 7.01 26.38
CA VAL A 472 21.37 8.02 26.34
C VAL A 472 20.76 9.35 25.90
N LEU A 473 19.65 9.29 25.17
CA LEU A 473 19.03 10.51 24.66
C LEU A 473 18.18 11.21 25.73
N GLY A 474 17.86 10.60 26.89
CA GLY A 474 16.87 11.24 27.77
C GLY A 474 15.55 11.46 27.01
N ASN A 475 14.89 12.63 27.08
CA ASN A 475 13.70 12.86 26.22
C ASN A 475 14.00 13.87 25.09
N ARG A 476 15.28 13.99 24.73
CA ARG A 476 15.73 14.87 23.68
C ARG A 476 15.62 14.16 22.33
N GLU A 477 14.46 14.17 21.71
CA GLU A 477 14.34 13.65 20.35
C GLU A 477 15.08 14.56 19.32
N ASP A 478 15.34 15.81 19.69
CA ASP A 478 16.10 16.76 18.87
C ASP A 478 17.59 16.45 18.69
N LEU A 479 18.23 15.66 19.56
CA LEU A 479 19.62 15.32 19.41
C LEU A 479 19.85 14.07 18.58
N VAL A 480 18.78 13.46 18.06
CA VAL A 480 18.92 12.38 17.11
C VAL A 480 19.77 12.87 15.91
N LYS A 481 19.63 14.15 15.56
CA LYS A 481 20.30 14.69 14.40
C LYS A 481 21.78 14.74 14.68
N ASP A 482 22.14 14.87 15.94
CA ASP A 482 23.53 14.99 16.35
C ASP A 482 24.18 13.62 16.15
N ILE A 483 23.40 12.54 16.29
CA ILE A 483 23.87 11.18 16.04
C ILE A 483 24.04 10.95 14.53
N LEU A 484 22.96 11.16 13.76
CA LEU A 484 22.93 11.00 12.31
C LEU A 484 23.97 11.87 11.54
N ASP A 485 24.33 13.06 12.07
CA ASP A 485 25.25 13.97 11.41
C ASP A 485 26.65 13.36 11.28
N GLU A 486 27.05 12.49 12.20
CA GLU A 486 28.30 11.75 12.08
C GLU A 486 28.24 10.48 11.20
N LEU A 487 27.12 10.18 10.55
CA LEU A 487 26.97 8.89 9.89
C LEU A 487 26.95 9.09 8.38
N GLN A 488 27.09 8.00 7.64
CA GLN A 488 27.23 8.07 6.20
C GLN A 488 26.28 7.05 5.61
N THR A 489 25.00 7.37 5.72
CA THR A 489 23.90 6.73 5.01
C THR A 489 24.19 6.36 3.57
N GLU A 490 24.69 7.33 2.81
CA GLU A 490 25.04 7.16 1.40
C GLU A 490 26.07 6.03 1.17
N ASN A 491 26.84 5.54 2.17
CA ASN A 491 27.82 4.48 1.99
C ASN A 491 27.46 3.20 2.68
N GLY A 492 26.19 3.03 3.07
CA GLY A 492 25.72 1.79 3.69
C GLY A 492 25.79 1.77 5.23
N GLU A 493 26.21 2.85 5.89
CA GLU A 493 26.06 2.94 7.32
C GLU A 493 24.57 3.12 7.67
N GLU A 494 24.12 2.49 8.79
CA GLU A 494 22.78 2.55 9.33
C GLU A 494 22.79 2.84 10.84
N TRP A 495 21.70 3.53 11.31
CA TRP A 495 21.47 3.83 12.73
C TRP A 495 20.34 2.97 13.22
N TRP A 496 20.64 2.15 14.23
CA TRP A 496 19.58 1.41 14.93
C TRP A 496 19.54 1.81 16.41
N THR A 497 18.46 1.36 17.13
CA THR A 497 18.39 1.59 18.58
C THR A 497 18.11 0.31 19.38
N TYR A 498 18.34 0.41 20.71
CA TYR A 498 17.94 -0.63 21.63
C TYR A 498 17.49 -0.06 22.96
N ILE A 499 16.70 -0.90 23.66
CA ILE A 499 16.19 -0.56 24.99
C ILE A 499 16.54 -1.72 25.89
N CYS A 500 16.72 -1.40 27.20
CA CYS A 500 17.17 -2.37 28.20
C CYS A 500 16.73 -1.92 29.60
N LEU A 501 17.59 -2.00 30.64
CA LEU A 501 17.16 -1.56 31.97
C LEU A 501 16.82 -0.06 31.96
N GLY A 502 17.25 0.69 30.95
CA GLY A 502 16.73 2.00 30.66
C GLY A 502 16.26 2.08 29.21
N PRO A 503 15.44 3.11 28.85
CA PRO A 503 14.90 4.10 29.80
C PRO A 503 13.78 3.58 30.73
N SER A 504 13.38 4.39 31.75
CA SER A 504 12.34 3.96 32.68
C SER A 504 11.11 4.87 32.65
N ASP A 505 10.21 4.65 33.61
CA ASP A 505 8.97 5.38 33.66
C ASP A 505 9.26 6.88 33.59
N PRO A 506 8.47 7.68 32.87
CA PRO A 506 7.34 7.16 32.07
C PRO A 506 7.61 6.87 30.58
N HIS A 507 8.86 6.54 30.27
CA HIS A 507 9.28 6.25 28.90
C HIS A 507 8.80 4.88 28.46
N PRO A 508 8.65 4.61 27.13
CA PRO A 508 8.24 3.30 26.61
C PRO A 508 9.29 2.23 26.85
N ASN A 509 8.89 1.04 27.33
CA ASN A 509 9.82 -0.05 27.60
C ASN A 509 8.95 -1.28 27.89
N TRP A 510 9.55 -2.40 28.29
CA TRP A 510 8.82 -3.63 28.53
C TRP A 510 9.14 -4.22 29.89
N HIS A 511 9.18 -3.36 30.90
CA HIS A 511 9.33 -3.71 32.30
C HIS A 511 7.99 -4.08 32.92
N LEU A 512 7.94 -5.16 33.71
CA LEU A 512 6.65 -5.54 34.28
C LEU A 512 6.15 -4.37 35.14
N GLY A 513 4.84 -4.05 35.02
CA GLY A 513 4.13 -2.97 35.71
C GLY A 513 3.81 -1.84 34.73
N MET A 514 4.53 -1.75 33.62
CA MET A 514 4.30 -0.72 32.64
C MET A 514 2.99 -1.04 31.93
N ARG A 515 2.31 0.01 31.47
CA ARG A 515 0.95 -0.10 30.95
C ARG A 515 1.02 -0.56 29.50
N GLY A 516 -0.13 -0.93 28.91
CA GLY A 516 -0.16 -1.45 27.54
C GLY A 516 0.27 -0.44 26.47
N THR A 517 -0.19 0.81 26.57
CA THR A 517 0.17 1.80 25.57
C THR A 517 1.66 2.11 25.68
N GLN A 518 2.19 2.07 26.91
CA GLN A 518 3.62 2.33 27.14
C GLN A 518 4.50 1.22 26.57
N GLN A 519 3.97 0.01 26.46
CA GLN A 519 4.65 -1.13 25.85
C GLN A 519 4.65 -1.04 24.31
N ARG A 520 3.49 -0.68 23.78
CA ARG A 520 3.33 -0.54 22.33
C ARG A 520 4.06 0.71 21.76
N ALA A 521 4.28 1.73 22.61
CA ALA A 521 4.94 2.96 22.22
C ALA A 521 6.46 2.82 21.98
N VAL A 522 7.07 1.71 22.37
CA VAL A 522 8.46 1.47 22.00
C VAL A 522 8.64 1.64 20.48
N MET A 523 7.64 1.20 19.73
CA MET A 523 7.74 1.11 18.29
C MET A 523 7.24 2.37 17.59
N TRP A 524 6.22 3.09 18.18
CA TRP A 524 5.87 4.45 17.80
C TRP A 524 7.09 5.40 17.85
N ARG A 525 7.86 5.30 18.93
CA ARG A 525 9.09 6.07 19.04
C ARG A 525 10.15 5.60 18.02
N VAL A 526 10.35 4.29 17.85
CA VAL A 526 11.27 3.80 16.83
C VAL A 526 10.90 4.32 15.44
N TRP A 527 9.57 4.33 15.14
CA TRP A 527 9.12 4.86 13.85
C TRP A 527 9.45 6.34 13.66
N LYS A 528 9.01 7.15 14.65
CA LYS A 528 9.14 8.58 14.58
C LYS A 528 10.61 9.02 14.43
N GLU A 529 11.49 8.43 15.24
CA GLU A 529 12.88 8.91 15.26
C GLU A 529 13.72 8.43 14.05
N GLY A 530 13.23 7.47 13.25
CA GLY A 530 13.79 7.18 11.94
C GLY A 530 14.99 6.24 11.83
N GLY A 531 15.39 5.56 12.90
CA GLY A 531 16.36 4.45 12.76
C GLY A 531 15.89 3.37 11.77
N THR A 532 16.81 2.55 11.24
CA THR A 532 16.41 1.50 10.26
C THR A 532 16.38 0.06 10.80
N GLY A 533 16.55 -0.07 12.12
CA GLY A 533 16.25 -1.34 12.76
C GLY A 533 16.43 -1.22 14.27
N PHE A 534 16.30 -2.35 15.00
CA PHE A 534 16.06 -2.39 16.44
C PHE A 534 16.60 -3.69 17.04
N LEU A 535 17.16 -3.63 18.25
CA LEU A 535 17.66 -4.83 18.91
C LEU A 535 17.17 -4.87 20.35
N TYR A 536 16.72 -6.08 20.79
CA TYR A 536 16.48 -6.39 22.21
C TYR A 536 17.45 -7.47 22.68
N TRP A 537 18.15 -7.20 23.77
CA TRP A 537 19.28 -8.04 24.15
C TRP A 537 18.90 -9.49 24.51
N GLY A 538 17.69 -9.73 25.03
CA GLY A 538 17.28 -11.07 25.45
C GLY A 538 15.76 -11.19 25.60
N ALA A 539 15.20 -12.38 25.32
CA ALA A 539 13.77 -12.63 25.52
C ALA A 539 13.49 -13.77 26.50
N ASN A 540 14.54 -14.46 26.96
CA ASN A 540 14.40 -15.61 27.83
C ASN A 540 15.44 -15.51 28.92
N CYS A 541 15.81 -14.29 29.32
CA CYS A 541 16.87 -14.10 30.30
C CYS A 541 16.31 -14.16 31.72
N TYR A 542 15.77 -15.34 32.06
CA TYR A 542 15.40 -15.61 33.45
C TYR A 542 16.65 -15.77 34.31
N GLU A 543 16.52 -15.88 35.63
CA GLU A 543 17.60 -16.41 36.48
C GLU A 543 17.70 -17.92 36.23
N LYS A 544 18.85 -18.48 36.65
CA LYS A 544 19.17 -19.88 36.38
C LYS A 544 18.25 -20.93 37.06
N ALA A 545 17.82 -21.93 36.27
CA ALA A 545 17.05 -23.05 36.78
C ALA A 545 17.40 -24.27 35.92
N THR A 546 17.15 -25.47 36.49
CA THR A 546 17.60 -26.74 35.90
C THR A 546 16.44 -27.67 35.58
N VAL A 547 15.20 -27.15 35.63
CA VAL A 547 13.99 -27.92 35.35
C VAL A 547 13.03 -27.04 34.56
N PRO A 548 12.42 -27.62 33.49
CA PRO A 548 11.48 -26.89 32.64
C PRO A 548 10.37 -26.08 33.31
N SER A 549 9.82 -26.58 34.41
CA SER A 549 8.62 -26.06 35.03
C SER A 549 8.99 -25.31 36.31
N ALA A 550 10.29 -25.17 36.57
CA ALA A 550 10.77 -24.37 37.69
C ALA A 550 10.14 -22.96 37.74
N GLU A 551 10.02 -22.42 38.93
CA GLU A 551 9.57 -21.07 39.08
C GLU A 551 10.40 -20.22 38.13
N VAL A 552 9.70 -19.29 37.45
CA VAL A 552 10.38 -18.22 36.71
C VAL A 552 10.79 -17.10 37.66
N LYS A 553 12.07 -17.00 37.94
CA LYS A 553 12.60 -15.96 38.77
C LYS A 553 13.43 -14.98 37.94
N PHE A 554 13.57 -13.79 38.48
CA PHE A 554 14.10 -12.69 37.71
C PHE A 554 15.45 -12.26 38.25
N ARG A 555 16.31 -11.83 37.36
CA ARG A 555 17.68 -11.49 37.71
C ARG A 555 17.76 -10.29 38.67
N ARG A 556 18.76 -10.39 39.58
CA ARG A 556 19.10 -9.42 40.59
C ARG A 556 19.63 -8.23 39.82
N GLY A 557 19.25 -7.02 40.26
CA GLY A 557 19.80 -5.74 39.77
C GLY A 557 19.15 -5.21 38.47
N LEU A 558 18.20 -5.96 37.91
CA LEU A 558 17.52 -5.50 36.72
C LEU A 558 16.05 -5.26 37.06
N PRO A 559 15.36 -4.35 36.36
CA PRO A 559 13.91 -4.22 36.54
C PRO A 559 13.22 -5.52 36.05
N PRO A 560 12.45 -6.22 36.90
CA PRO A 560 11.75 -7.43 36.44
C PRO A 560 11.05 -7.19 35.10
N GLY A 561 11.31 -8.10 34.15
CA GLY A 561 10.72 -8.04 32.81
C GLY A 561 11.75 -7.67 31.76
N ASP A 562 12.71 -6.83 32.14
CA ASP A 562 13.87 -6.58 31.31
C ASP A 562 14.50 -7.94 30.95
N GLY A 563 14.50 -8.29 29.66
CA GLY A 563 15.25 -9.42 29.11
C GLY A 563 14.39 -10.69 29.00
N VAL A 564 13.12 -10.60 29.46
CA VAL A 564 12.17 -11.69 29.45
C VAL A 564 10.87 -11.29 28.75
N LEU A 565 10.69 -11.72 27.50
CA LEU A 565 9.47 -11.48 26.75
C LEU A 565 8.62 -12.73 26.60
N TYR A 566 9.14 -13.91 26.94
CA TYR A 566 8.29 -15.08 26.90
C TYR A 566 8.71 -16.07 27.99
N TYR A 567 7.82 -17.04 28.29
CA TYR A 567 7.93 -17.95 29.41
C TYR A 567 7.84 -19.40 28.90
N PRO A 568 8.43 -20.35 29.66
CA PRO A 568 8.30 -21.79 29.36
C PRO A 568 6.85 -22.26 29.34
N GLY A 569 6.49 -23.04 28.31
CA GLY A 569 5.16 -23.66 28.30
C GLY A 569 4.83 -24.42 29.57
N GLU A 570 5.84 -25.10 30.09
CA GLU A 570 5.61 -26.16 31.05
C GLU A 570 5.36 -25.55 32.41
N VAL A 571 5.57 -24.24 32.53
CA VAL A 571 5.32 -23.61 33.83
C VAL A 571 3.80 -23.57 34.04
N PHE A 572 3.03 -23.50 32.92
CA PHE A 572 1.64 -23.07 32.94
C PHE A 572 0.76 -24.20 32.44
N SER A 573 1.36 -25.18 31.75
CA SER A 573 0.64 -26.36 31.33
C SER A 573 1.69 -27.45 31.11
N SER A 574 1.29 -28.51 30.41
CA SER A 574 2.24 -29.55 30.12
C SER A 574 2.78 -29.45 28.69
N SER A 575 2.23 -28.52 27.91
CA SER A 575 2.77 -28.17 26.62
C SER A 575 4.23 -27.66 26.68
N SER A 576 5.00 -27.93 25.62
CA SER A 576 6.38 -27.44 25.48
C SER A 576 6.44 -26.11 24.70
N GLU A 577 5.31 -25.72 24.08
CA GLU A 577 5.15 -24.49 23.29
C GLU A 577 5.33 -23.29 24.23
N PRO A 578 6.19 -22.31 23.87
CA PRO A 578 6.41 -21.15 24.72
C PRO A 578 5.09 -20.38 24.91
N VAL A 579 5.02 -19.69 26.06
CA VAL A 579 3.90 -18.82 26.41
C VAL A 579 4.34 -17.35 26.20
N ALA A 580 3.63 -16.61 25.34
CA ALA A 580 3.95 -15.20 25.15
C ALA A 580 3.63 -14.34 26.37
N SER A 581 4.43 -13.27 26.57
CA SER A 581 4.05 -12.15 27.40
C SER A 581 3.11 -11.17 26.66
N LEU A 582 2.27 -10.46 27.42
CA LEU A 582 1.59 -9.27 26.92
C LEU A 582 2.57 -8.29 26.25
N ARG A 583 3.77 -8.17 26.79
CA ARG A 583 4.79 -7.28 26.22
C ARG A 583 5.20 -7.72 24.81
N LEU A 584 5.32 -9.03 24.58
CA LEU A 584 5.63 -9.57 23.27
C LEU A 584 4.47 -9.39 22.27
N GLU A 585 3.23 -9.57 22.72
CA GLU A 585 2.10 -9.20 21.87
C GLU A 585 2.07 -7.70 21.53
N ARG A 586 2.49 -6.79 22.46
CA ARG A 586 2.43 -5.36 22.21
C ARG A 586 3.62 -4.94 21.36
N LEU A 587 4.77 -5.58 21.52
CA LEU A 587 5.80 -5.55 20.46
C LEU A 587 5.28 -5.91 19.04
N LEU A 588 4.63 -7.09 18.85
CA LEU A 588 4.02 -7.36 17.54
C LEU A 588 3.03 -6.25 17.11
N SER A 589 2.12 -5.79 17.99
CA SER A 589 1.10 -4.86 17.55
C SER A 589 1.84 -3.59 17.13
N GLY A 590 2.88 -3.22 17.90
CA GLY A 590 3.65 -2.01 17.58
C GLY A 590 4.37 -2.16 16.24
N LEU A 591 4.80 -3.38 15.88
CA LEU A 591 5.44 -3.58 14.59
C LEU A 591 4.42 -3.55 13.44
N GLN A 592 3.19 -4.01 13.68
CA GLN A 592 2.11 -3.82 12.73
C GLN A 592 1.81 -2.34 12.51
N ASP A 593 1.89 -1.55 13.58
CA ASP A 593 1.63 -0.13 13.51
C ASP A 593 2.68 0.55 12.63
N TYR A 594 3.92 0.14 12.83
CA TYR A 594 5.02 0.62 12.00
C TYR A 594 4.71 0.46 10.50
N GLU A 595 4.13 -0.67 10.14
CA GLU A 595 3.85 -0.99 8.77
C GLU A 595 2.74 -0.08 8.25
N TYR A 596 1.72 0.25 9.07
CA TYR A 596 0.66 1.18 8.66
C TYR A 596 1.24 2.58 8.42
N LEU A 597 2.08 3.01 9.36
CA LEU A 597 2.72 4.31 9.23
C LEU A 597 3.65 4.37 8.01
N LYS A 598 4.40 3.28 7.71
CA LYS A 598 5.21 3.26 6.48
C LYS A 598 4.38 3.32 5.19
N LEU A 599 3.20 2.69 5.18
CA LEU A 599 2.26 2.72 4.07
C LEU A 599 1.79 4.16 3.82
N TYR A 600 1.27 4.79 4.90
CA TYR A 600 0.81 6.16 4.86
C TYR A 600 1.91 7.10 4.39
N GLU A 601 3.14 6.96 4.91
CA GLU A 601 4.27 7.77 4.49
C GLU A 601 4.58 7.63 3.00
N SER A 602 4.39 6.40 2.48
CA SER A 602 4.71 6.10 1.08
C SER A 602 3.65 6.68 0.18
N LYS A 603 2.44 6.95 0.68
CA LYS A 603 1.46 7.67 -0.13
C LYS A 603 1.35 9.17 0.17
N TYR A 604 1.79 9.74 1.30
CA TYR A 604 1.56 11.16 1.54
C TYR A 604 2.81 11.82 2.08
N GLY A 605 3.92 11.08 2.18
CA GLY A 605 5.17 11.69 2.63
C GLY A 605 5.38 11.77 4.15
N ARG A 606 6.68 11.95 4.49
CA ARG A 606 7.16 11.94 5.87
C ARG A 606 6.39 12.91 6.79
N GLU A 607 6.30 14.19 6.39
CA GLU A 607 5.67 15.25 7.17
C GLU A 607 4.22 14.90 7.43
N GLU A 608 3.54 14.36 6.43
CA GLU A 608 2.15 14.02 6.64
C GLU A 608 2.00 12.83 7.63
N ALA A 609 2.92 11.86 7.63
CA ALA A 609 2.80 10.70 8.50
C ALA A 609 3.17 11.09 9.95
N MET A 610 4.27 11.86 10.13
CA MET A 610 4.59 12.47 11.43
C MET A 610 3.38 13.19 12.05
N GLY A 611 2.69 13.98 11.23
CA GLY A 611 1.50 14.71 11.63
C GLY A 611 0.30 13.82 11.97
N LEU A 612 0.05 12.72 11.25
CA LEU A 612 -0.97 11.74 11.67
C LEU A 612 -0.68 11.19 13.09
N LEU A 613 0.59 10.81 13.36
CA LEU A 613 0.97 10.15 14.61
C LEU A 613 0.73 11.10 15.81
N GLU A 614 1.00 12.39 15.62
CA GLU A 614 0.80 13.39 16.66
C GLU A 614 -0.68 13.89 16.76
N LYS A 615 -1.30 14.30 15.66
CA LYS A 615 -2.62 14.91 15.66
C LYS A 615 -3.66 13.94 16.16
N THR A 616 -3.45 12.63 15.97
CA THR A 616 -4.36 11.62 16.50
C THR A 616 -4.23 11.47 18.03
N GLY A 617 -3.12 11.93 18.62
CA GLY A 617 -2.85 11.74 20.03
C GLY A 617 -2.08 10.46 20.39
N VAL A 618 -1.64 9.71 19.39
CA VAL A 618 -0.95 8.46 19.66
C VAL A 618 0.41 8.67 20.34
N TYR A 619 1.26 9.50 19.72
CA TYR A 619 2.59 9.64 20.27
C TYR A 619 3.04 11.06 19.93
N THR A 620 3.45 11.79 21.00
CA THR A 620 3.93 13.16 20.88
C THR A 620 5.42 13.25 21.18
N GLY A 621 5.82 12.45 22.17
CA GLY A 621 7.20 12.36 22.61
C GLY A 621 7.38 11.21 23.57
N PRO A 622 8.63 11.00 24.00
CA PRO A 622 8.95 9.90 24.86
C PRO A 622 8.17 9.90 26.16
N GLU A 623 7.71 11.09 26.64
CA GLU A 623 6.98 11.16 27.93
C GLU A 623 5.52 11.55 27.69
N ARG A 624 5.03 11.47 26.46
CA ARG A 624 3.72 11.95 26.08
C ARG A 624 3.26 11.14 24.88
N TYR A 625 2.47 10.12 25.20
CA TYR A 625 1.83 9.24 24.24
C TYR A 625 0.41 8.92 24.79
N THR A 626 -0.48 8.36 23.98
CA THR A 626 -1.84 8.12 24.41
C THR A 626 -1.87 7.19 25.64
N LEU A 627 -2.92 7.38 26.47
CA LEU A 627 -3.14 6.54 27.64
C LEU A 627 -4.37 5.70 27.42
N GLU A 628 -4.98 5.85 26.24
CA GLU A 628 -6.20 5.13 25.90
C GLU A 628 -6.09 4.48 24.53
N HIS A 629 -7.04 3.58 24.23
CA HIS A 629 -7.07 2.90 22.97
C HIS A 629 -7.56 3.73 21.78
N ARG A 630 -8.58 4.59 21.95
CA ARG A 630 -9.32 5.21 20.83
C ARG A 630 -8.35 5.81 19.80
N PRO A 631 -7.40 6.69 20.20
CA PRO A 631 -6.48 7.28 19.25
C PRO A 631 -5.76 6.32 18.30
N ILE A 632 -5.47 5.10 18.77
CA ILE A 632 -4.92 4.04 17.93
C ILE A 632 -5.88 3.61 16.82
N ASP A 633 -7.17 3.43 17.15
CA ASP A 633 -8.24 3.12 16.20
C ASP A 633 -8.45 4.27 15.22
N VAL A 634 -8.37 5.50 15.75
CA VAL A 634 -8.46 6.66 14.89
C VAL A 634 -7.36 6.60 13.83
N LEU A 635 -6.11 6.39 14.26
CA LEU A 635 -4.97 6.29 13.34
C LEU A 635 -5.05 5.15 12.29
N ARG A 636 -5.34 3.91 12.73
CA ARG A 636 -5.45 2.75 11.86
C ARG A 636 -6.61 2.94 10.88
N GLY A 637 -7.68 3.58 11.37
CA GLY A 637 -8.88 3.86 10.61
C GLY A 637 -8.64 4.89 9.50
N GLU A 638 -7.84 5.92 9.78
CA GLU A 638 -7.46 6.95 8.82
C GLU A 638 -6.56 6.33 7.72
N VAL A 639 -5.74 5.34 8.08
CA VAL A 639 -4.86 4.68 7.11
C VAL A 639 -5.72 3.84 6.16
N TYR A 640 -6.70 3.16 6.69
CA TYR A 640 -7.63 2.38 5.87
C TYR A 640 -8.42 3.27 4.93
N ASN A 641 -8.95 4.43 5.41
CA ASN A 641 -9.78 5.29 4.55
C ASN A 641 -8.93 5.88 3.44
N THR A 642 -7.63 6.18 3.68
CA THR A 642 -6.89 7.03 2.75
C THR A 642 -6.04 6.20 1.77
N CYS A 643 -5.77 4.93 2.10
CA CYS A 643 -4.61 4.28 1.54
C CYS A 643 -5.01 2.98 0.85
N ARG A 644 -6.31 2.79 0.56
CA ARG A 644 -6.73 1.69 -0.31
C ARG A 644 -6.45 2.01 -1.77
N PRO A 645 -6.41 1.01 -2.69
CA PRO A 645 -6.19 1.30 -4.11
C PRO A 645 -7.47 1.69 -4.88
N THR B 13 -36.62 43.20 -24.72
CA THR B 13 -37.62 43.69 -23.72
C THR B 13 -37.51 45.21 -23.67
N VAL B 14 -36.27 45.75 -23.50
CA VAL B 14 -35.99 46.93 -22.65
C VAL B 14 -35.72 48.20 -23.46
N PRO B 15 -36.09 49.39 -22.89
CA PRO B 15 -36.01 50.67 -23.61
C PRO B 15 -34.59 51.21 -23.80
N VAL B 16 -34.49 52.22 -24.70
CA VAL B 16 -33.25 52.72 -25.24
C VAL B 16 -32.43 53.25 -24.06
N GLU B 17 -33.14 53.71 -22.99
CA GLU B 17 -32.49 54.39 -21.88
C GLU B 17 -32.24 53.46 -20.69
N GLY B 18 -32.62 52.20 -20.87
CA GLY B 18 -32.49 51.24 -19.78
C GLY B 18 -33.67 51.16 -18.78
N VAL B 19 -33.76 50.02 -18.06
CA VAL B 19 -34.64 49.90 -16.92
C VAL B 19 -34.19 50.94 -15.89
N ALA B 20 -35.14 51.78 -15.41
CA ALA B 20 -34.98 52.82 -14.39
C ALA B 20 -33.91 53.88 -14.72
N GLY B 21 -33.66 54.07 -16.04
CA GLY B 21 -32.61 54.93 -16.64
C GLY B 21 -31.16 54.56 -16.25
N GLY B 22 -30.82 53.26 -16.27
CA GLY B 22 -29.47 52.76 -15.94
C GLY B 22 -28.60 52.76 -17.18
N GLY B 23 -29.18 53.15 -18.33
CA GLY B 23 -28.46 53.35 -19.56
C GLY B 23 -28.60 52.17 -20.51
N THR B 24 -27.94 52.26 -21.66
CA THR B 24 -27.92 51.20 -22.65
C THR B 24 -27.86 49.78 -22.04
N ALA B 25 -28.92 49.00 -22.34
CA ALA B 25 -29.02 47.54 -22.11
C ALA B 25 -29.07 47.11 -20.62
N TYR B 26 -29.40 48.04 -19.71
CA TYR B 26 -29.58 47.76 -18.30
C TYR B 26 -30.90 47.03 -18.04
N GLY B 27 -30.78 45.95 -17.28
CA GLY B 27 -31.92 45.18 -16.85
C GLY B 27 -32.43 44.17 -17.88
N PHE B 28 -31.61 43.76 -18.87
CA PHE B 28 -31.94 42.54 -19.61
C PHE B 28 -31.78 41.31 -18.71
N ASN B 29 -31.11 41.37 -17.55
CA ASN B 29 -31.15 40.27 -16.58
C ASN B 29 -32.50 40.23 -15.88
N ASP B 30 -33.36 39.30 -16.29
CA ASP B 30 -34.52 38.99 -15.49
C ASP B 30 -34.19 37.78 -14.59
N ALA B 31 -32.91 37.34 -14.51
CA ALA B 31 -32.51 36.29 -13.58
C ALA B 31 -32.68 36.85 -12.16
N GLU B 32 -33.85 36.59 -11.56
CA GLU B 32 -34.62 37.52 -10.74
C GLU B 32 -34.06 37.60 -9.32
N PRO B 33 -34.47 38.54 -8.43
CA PRO B 33 -33.57 39.03 -7.37
C PRO B 33 -32.82 37.95 -6.59
N LEU B 34 -31.64 38.32 -6.19
CA LEU B 34 -30.96 37.59 -5.15
C LEU B 34 -31.62 37.94 -3.81
N LYS B 35 -31.40 37.06 -2.82
CA LYS B 35 -31.63 37.38 -1.43
C LYS B 35 -30.67 38.48 -0.95
N GLN B 36 -31.15 39.25 0.03
CA GLN B 36 -30.48 40.40 0.63
C GLN B 36 -29.52 39.98 1.73
N SER B 37 -29.61 38.71 2.12
CA SER B 37 -28.70 38.06 3.07
C SER B 37 -27.68 37.22 2.30
N THR B 38 -26.41 37.24 2.78
CA THR B 38 -25.32 36.40 2.27
C THR B 38 -24.83 35.41 3.35
N ASP B 39 -25.61 35.25 4.44
CA ASP B 39 -25.24 34.34 5.54
C ASP B 39 -25.58 32.87 5.17
N PRO B 40 -24.60 31.97 4.90
CA PRO B 40 -24.86 30.61 4.41
C PRO B 40 -25.47 29.67 5.46
N SER B 41 -25.52 30.16 6.73
CA SER B 41 -26.36 29.57 7.77
C SER B 41 -27.87 29.88 7.63
N GLU B 42 -28.32 30.86 6.84
CA GLU B 42 -29.74 31.17 6.60
C GLU B 42 -30.11 31.00 5.13
N VAL B 43 -29.14 30.99 4.20
CA VAL B 43 -29.48 31.14 2.79
C VAL B 43 -29.23 29.82 2.10
N PRO B 44 -30.16 29.31 1.27
CA PRO B 44 -29.89 28.12 0.44
C PRO B 44 -28.65 28.31 -0.45
N THR B 45 -27.83 27.25 -0.47
CA THR B 45 -26.63 27.20 -1.27
C THR B 45 -26.95 27.54 -2.72
N ALA B 46 -28.13 27.16 -3.21
CA ALA B 46 -28.53 27.40 -4.61
C ALA B 46 -28.64 28.89 -4.93
N ASP B 47 -28.94 29.68 -3.89
CA ASP B 47 -29.06 31.14 -3.99
C ASP B 47 -27.74 31.88 -3.87
N LEU B 48 -26.68 31.14 -3.56
CA LEU B 48 -25.33 31.63 -3.34
C LEU B 48 -24.38 31.22 -4.46
N VAL B 49 -24.70 30.08 -5.13
CA VAL B 49 -23.81 29.47 -6.11
C VAL B 49 -24.67 28.89 -7.22
N ASN B 50 -24.21 29.15 -8.45
CA ASN B 50 -24.71 28.42 -9.62
C ASN B 50 -23.97 27.08 -9.77
N VAL B 51 -24.71 26.02 -10.01
CA VAL B 51 -24.15 24.67 -10.04
C VAL B 51 -24.88 23.97 -11.17
N TRP B 52 -24.12 23.32 -12.04
CA TRP B 52 -24.71 22.61 -13.16
C TRP B 52 -23.76 21.51 -13.56
N CYS B 53 -24.22 20.62 -14.43
CA CYS B 53 -23.35 19.55 -14.86
C CYS B 53 -22.97 19.71 -16.34
N MET B 54 -21.80 19.13 -16.67
CA MET B 54 -21.30 19.19 -18.03
C MET B 54 -20.84 17.79 -18.40
N PRO B 55 -20.87 17.44 -19.70
CA PRO B 55 -20.30 16.19 -20.20
C PRO B 55 -18.80 16.04 -20.05
N ASN B 56 -18.35 14.77 -20.04
CA ASN B 56 -16.94 14.45 -19.88
C ASN B 56 -16.11 14.82 -21.11
N THR B 57 -16.69 15.22 -22.28
CA THR B 57 -15.85 15.62 -23.40
C THR B 57 -15.70 17.16 -23.57
N VAL B 58 -16.24 17.98 -22.67
CA VAL B 58 -15.96 19.40 -22.72
C VAL B 58 -14.74 19.78 -21.82
N ASN B 59 -13.87 20.64 -22.33
CA ASN B 59 -12.84 21.20 -21.49
C ASN B 59 -13.45 22.47 -20.91
N VAL B 60 -13.87 22.42 -19.66
CA VAL B 60 -14.70 23.47 -19.09
C VAL B 60 -13.83 24.58 -18.48
N GLY B 61 -13.77 25.74 -19.17
CA GLY B 61 -12.89 26.81 -18.77
C GLY B 61 -13.50 27.64 -17.64
N SER B 62 -12.71 28.60 -17.14
CA SER B 62 -13.06 29.49 -16.04
C SER B 62 -14.22 30.45 -16.36
N GLN B 63 -14.60 30.64 -17.63
CA GLN B 63 -15.68 31.56 -17.97
C GLN B 63 -16.85 30.84 -18.66
N GLU B 64 -16.88 29.55 -18.59
CA GLU B 64 -18.09 28.81 -18.93
C GLU B 64 -19.24 29.37 -18.13
N THR B 65 -20.32 29.56 -18.90
CA THR B 65 -21.49 30.28 -18.49
C THR B 65 -22.50 29.32 -17.83
N PRO B 66 -23.18 29.70 -16.71
CA PRO B 66 -24.14 28.81 -16.04
C PRO B 66 -25.30 28.30 -16.88
N ARG B 67 -25.79 27.12 -16.47
CA ARG B 67 -26.95 26.43 -17.03
C ARG B 67 -27.84 26.03 -15.87
N ALA B 68 -29.08 25.68 -16.20
CA ALA B 68 -29.97 25.16 -15.17
C ALA B 68 -29.51 23.76 -14.77
N LEU B 69 -29.43 23.52 -13.43
CA LEU B 69 -29.21 22.17 -12.87
C LEU B 69 -30.30 21.17 -13.33
N GLU B 70 -29.94 20.07 -14.00
CA GLU B 70 -30.82 18.93 -14.32
C GLU B 70 -30.39 17.67 -13.55
N PRO B 71 -31.12 16.54 -13.63
CA PRO B 71 -30.58 15.31 -13.06
C PRO B 71 -29.59 14.69 -14.05
N ILE B 72 -28.65 13.88 -13.55
CA ILE B 72 -27.64 13.20 -14.35
C ILE B 72 -28.08 11.75 -14.59
N ASN B 73 -28.07 11.34 -15.86
CA ASN B 73 -28.47 10.02 -16.31
C ASN B 73 -27.30 9.44 -17.08
N LEU B 74 -26.70 8.33 -16.62
CA LEU B 74 -25.50 7.73 -17.20
C LEU B 74 -25.76 6.28 -17.55
N LEU B 75 -24.78 5.74 -18.22
CA LEU B 75 -24.80 4.36 -18.65
C LEU B 75 -23.37 3.81 -18.60
N ALA B 76 -23.26 2.60 -18.09
CA ALA B 76 -21.97 1.95 -17.97
C ALA B 76 -22.21 0.44 -17.93
N ALA B 77 -21.39 -0.30 -18.71
CA ALA B 77 -21.16 -1.74 -18.56
C ALA B 77 -20.37 -2.07 -17.29
N ARG B 78 -20.18 -3.38 -17.06
CA ARG B 78 -19.25 -3.86 -16.04
C ARG B 78 -17.83 -3.68 -16.59
N ASN B 79 -16.87 -3.38 -15.68
CA ASN B 79 -15.48 -3.12 -16.01
C ASN B 79 -15.33 -1.83 -16.85
N GLU B 80 -16.13 -0.78 -16.56
CA GLU B 80 -16.25 0.44 -17.37
C GLU B 80 -16.13 1.60 -16.39
N ARG B 81 -15.40 2.66 -16.79
CA ARG B 81 -15.41 3.95 -16.11
C ARG B 81 -16.28 4.92 -16.87
N GLU B 82 -17.28 5.52 -16.19
CA GLU B 82 -18.10 6.59 -16.79
C GLU B 82 -17.99 7.89 -15.96
N SER B 83 -18.14 9.08 -16.59
CA SER B 83 -17.75 10.37 -16.02
C SER B 83 -18.69 11.50 -16.40
N PHE B 84 -18.75 12.47 -15.49
CA PHE B 84 -19.39 13.74 -15.81
C PHE B 84 -18.62 14.80 -15.05
N GLN B 85 -18.94 16.11 -15.22
CA GLN B 85 -18.35 17.12 -14.36
C GLN B 85 -19.41 18.02 -13.75
N ILE B 86 -19.01 18.68 -12.70
CA ILE B 86 -19.87 19.57 -11.97
C ILE B 86 -19.19 20.94 -12.03
N ALA B 87 -19.88 21.91 -12.65
CA ALA B 87 -19.39 23.27 -12.67
C ALA B 87 -20.07 24.06 -11.57
N MET B 88 -19.35 24.97 -10.97
CA MET B 88 -19.85 25.83 -9.91
C MET B 88 -19.29 27.28 -10.08
N ARG B 89 -20.17 28.29 -10.06
CA ARG B 89 -19.78 29.67 -10.22
C ARG B 89 -20.54 30.50 -9.19
N PRO B 90 -19.81 31.18 -8.30
CA PRO B 90 -20.40 31.93 -7.23
C PRO B 90 -21.29 33.02 -7.82
N LYS B 91 -22.40 33.27 -7.11
CA LYS B 91 -23.26 34.38 -7.44
C LYS B 91 -22.99 35.61 -6.54
N VAL B 92 -22.41 35.41 -5.34
CA VAL B 92 -22.20 36.47 -4.35
C VAL B 92 -21.01 36.06 -3.48
N SER B 93 -20.65 36.91 -2.53
CA SER B 93 -19.65 36.54 -1.53
C SER B 93 -20.36 36.13 -0.24
N TRP B 94 -20.23 34.86 0.20
CA TRP B 94 -20.73 34.44 1.50
C TRP B 94 -19.62 34.36 2.54
N ALA B 95 -18.41 34.77 2.18
CA ALA B 95 -17.35 35.02 3.15
C ALA B 95 -16.75 36.37 2.82
N ALA B 96 -17.37 37.39 3.46
CA ALA B 96 -17.03 38.80 3.28
C ALA B 96 -15.51 38.94 3.18
N SER B 97 -14.79 38.29 4.11
CA SER B 97 -13.36 38.51 4.32
C SER B 97 -12.48 37.85 3.23
N SER B 98 -12.82 36.61 2.84
CA SER B 98 -12.07 35.78 1.90
C SER B 98 -12.96 35.31 0.76
N PRO B 99 -13.40 36.22 -0.17
CA PRO B 99 -14.41 35.85 -1.17
C PRO B 99 -13.91 34.78 -2.16
N SER B 100 -14.83 34.01 -2.78
CA SER B 100 -16.29 34.14 -2.63
C SER B 100 -16.73 33.43 -1.34
N GLY B 101 -16.17 32.22 -1.11
CA GLY B 101 -16.28 31.38 0.07
C GLY B 101 -15.86 29.94 -0.24
N ILE B 102 -15.82 29.13 0.79
CA ILE B 102 -15.67 27.69 0.67
C ILE B 102 -17.02 26.98 0.48
N VAL B 103 -17.00 25.87 -0.28
CA VAL B 103 -18.07 24.89 -0.28
C VAL B 103 -17.56 23.53 0.16
N GLN B 104 -18.39 22.78 0.86
CA GLN B 104 -18.15 21.38 1.14
C GLN B 104 -18.90 20.48 0.15
N VAL B 105 -18.21 19.43 -0.30
CA VAL B 105 -18.77 18.47 -1.24
C VAL B 105 -18.76 17.13 -0.53
N GLN B 106 -19.96 16.55 -0.41
CA GLN B 106 -20.20 15.23 0.16
C GLN B 106 -20.78 14.34 -0.94
N CYS B 107 -20.16 13.21 -1.16
CA CYS B 107 -20.80 12.21 -1.99
C CYS B 107 -21.15 10.97 -1.14
N SER B 108 -22.13 10.24 -1.70
CA SER B 108 -22.79 9.11 -1.04
C SER B 108 -22.82 7.95 -2.03
N ASP B 109 -23.01 6.75 -1.45
CA ASP B 109 -23.13 5.49 -2.17
C ASP B 109 -24.39 5.53 -3.01
N LEU B 110 -24.31 4.76 -4.09
CA LEU B 110 -25.38 4.59 -5.09
C LEU B 110 -25.99 3.20 -4.87
N CYS B 111 -27.33 3.12 -4.93
CA CYS B 111 -28.10 1.96 -4.50
C CYS B 111 -29.07 1.59 -5.60
N SER B 112 -29.17 0.29 -5.97
CA SER B 112 -30.21 -0.15 -6.92
C SER B 112 -31.43 -0.60 -6.14
N SER B 113 -32.59 -0.66 -6.86
CA SER B 113 -33.86 -1.05 -6.25
C SER B 113 -33.85 -2.47 -5.66
N ALA B 114 -32.88 -3.33 -6.01
CA ALA B 114 -32.62 -4.59 -5.31
C ALA B 114 -31.60 -4.44 -4.18
N GLY B 115 -31.23 -3.20 -3.80
CA GLY B 115 -30.31 -3.00 -2.68
C GLY B 115 -28.81 -3.23 -2.97
N ASP B 116 -28.38 -3.49 -4.22
CA ASP B 116 -26.94 -3.50 -4.53
C ASP B 116 -26.32 -2.09 -4.42
N ARG B 117 -24.99 -2.02 -4.25
CA ARG B 117 -24.32 -0.74 -4.01
C ARG B 117 -23.10 -0.50 -4.91
N LEU B 118 -22.98 0.76 -5.40
CA LEU B 118 -21.69 1.28 -5.84
C LEU B 118 -21.18 2.24 -4.78
N VAL B 119 -19.97 1.96 -4.36
CA VAL B 119 -19.49 2.43 -3.09
C VAL B 119 -18.48 3.56 -3.31
N VAL B 120 -18.54 4.54 -2.40
CA VAL B 120 -17.62 5.64 -2.43
C VAL B 120 -16.15 5.17 -2.48
N GLY B 121 -15.63 4.32 -1.60
CA GLY B 121 -14.20 4.05 -1.80
C GLY B 121 -13.90 3.62 -3.26
N GLN B 122 -14.43 2.46 -3.62
CA GLN B 122 -13.87 1.66 -4.68
C GLN B 122 -14.24 2.27 -6.02
N SER B 123 -15.45 2.74 -6.07
CA SER B 123 -16.15 2.94 -7.32
C SER B 123 -16.14 4.42 -7.72
N LEU B 124 -16.58 5.29 -6.81
CA LEU B 124 -16.83 6.72 -7.06
C LEU B 124 -15.64 7.52 -6.56
N LYS B 125 -15.12 8.40 -7.44
CA LYS B 125 -13.95 9.23 -7.14
C LYS B 125 -14.32 10.68 -7.53
N LEU B 126 -13.70 11.65 -6.84
CA LEU B 126 -13.86 13.08 -7.12
C LEU B 126 -12.50 13.75 -7.26
N ARG B 127 -12.37 14.55 -8.34
CA ARG B 127 -11.12 15.27 -8.55
C ARG B 127 -11.39 16.70 -9.05
N ARG B 128 -10.51 17.67 -8.68
CA ARG B 128 -10.66 19.01 -9.16
C ARG B 128 -9.96 19.09 -10.52
N VAL B 129 -10.57 19.85 -11.45
CA VAL B 129 -9.98 20.09 -12.75
C VAL B 129 -9.12 21.36 -12.70
N VAL B 130 -7.80 21.19 -12.85
CA VAL B 130 -6.86 22.26 -12.62
C VAL B 130 -6.24 22.60 -13.98
N PRO B 131 -6.05 23.90 -14.32
CA PRO B 131 -5.53 24.29 -15.61
C PRO B 131 -4.01 24.14 -15.68
N VAL B 132 -3.50 23.80 -16.87
CA VAL B 132 -2.06 23.68 -17.14
C VAL B 132 -1.75 24.54 -18.36
N LEU B 133 -0.78 25.43 -18.21
CA LEU B 133 -0.59 26.51 -19.16
C LEU B 133 -1.93 27.10 -19.61
N GLY B 134 -2.84 27.35 -18.68
CA GLY B 134 -4.08 28.04 -19.07
C GLY B 134 -5.20 27.11 -19.53
N VAL B 135 -5.01 25.80 -19.65
CA VAL B 135 -5.99 24.92 -20.29
C VAL B 135 -6.41 23.89 -19.23
N PRO B 136 -7.70 23.60 -19.03
CA PRO B 136 -8.10 22.54 -18.11
C PRO B 136 -7.39 21.21 -18.43
N ASP B 137 -6.56 20.69 -17.52
CA ASP B 137 -5.95 19.39 -17.85
C ASP B 137 -5.73 18.42 -16.67
N ALA B 138 -5.31 18.95 -15.53
CA ALA B 138 -4.87 18.12 -14.43
C ALA B 138 -6.05 17.79 -13.54
N LEU B 139 -6.14 16.53 -13.09
CA LEU B 139 -7.21 16.01 -12.24
C LEU B 139 -6.69 15.67 -10.82
N VAL B 140 -6.81 16.62 -9.86
CA VAL B 140 -6.19 16.49 -8.55
C VAL B 140 -7.15 15.97 -7.47
N PRO B 141 -6.81 14.82 -6.83
CA PRO B 141 -7.74 14.17 -5.88
C PRO B 141 -8.31 15.09 -4.80
N LEU B 142 -9.64 15.00 -4.57
CA LEU B 142 -10.34 15.52 -3.38
C LEU B 142 -10.51 14.42 -2.29
N ASP B 143 -10.34 14.80 -1.01
CA ASP B 143 -10.73 14.01 0.16
C ASP B 143 -12.12 13.39 0.01
N LEU B 144 -12.24 12.12 0.42
CA LEU B 144 -13.48 11.37 0.36
C LEU B 144 -13.84 10.86 1.75
N PRO B 145 -15.16 10.79 2.14
CA PRO B 145 -16.29 11.28 1.30
C PRO B 145 -16.72 12.77 1.34
N VAL B 146 -16.00 13.57 2.15
CA VAL B 146 -16.22 14.99 2.33
C VAL B 146 -14.92 15.72 2.03
N SER B 147 -15.04 16.72 1.12
CA SER B 147 -13.98 17.65 0.66
C SER B 147 -14.49 19.10 0.82
N GLN B 148 -13.55 20.03 0.82
CA GLN B 148 -13.78 21.46 0.66
C GLN B 148 -13.13 21.99 -0.63
N LEU B 149 -13.67 23.12 -1.10
CA LEU B 149 -13.23 23.76 -2.33
C LEU B 149 -13.39 25.28 -2.14
N SER B 150 -12.29 26.07 -2.23
CA SER B 150 -12.42 27.53 -2.28
C SER B 150 -12.96 27.96 -3.67
N LEU B 151 -13.88 28.95 -3.70
CA LEU B 151 -14.46 29.46 -4.93
C LEU B 151 -14.16 30.96 -4.97
N PHE B 152 -13.83 31.44 -6.16
CA PHE B 152 -13.38 32.81 -6.37
C PHE B 152 -14.29 33.59 -7.31
N PRO B 153 -14.36 34.90 -7.11
CA PRO B 153 -15.29 35.72 -7.89
C PRO B 153 -14.99 35.70 -9.40
N GLY B 154 -16.02 35.44 -10.22
CA GLY B 154 -15.95 35.62 -11.64
C GLY B 154 -15.41 34.39 -12.33
N GLU B 155 -15.34 33.27 -11.57
CA GLU B 155 -14.76 32.05 -12.12
C GLU B 155 -15.58 30.81 -11.87
N THR B 156 -15.75 30.02 -12.93
CA THR B 156 -16.34 28.70 -12.91
C THR B 156 -15.24 27.67 -12.58
N SER B 157 -15.52 26.93 -11.50
CA SER B 157 -14.65 25.96 -10.87
C SER B 157 -15.25 24.59 -11.06
N VAL B 158 -14.45 23.54 -11.31
CA VAL B 158 -14.94 22.31 -11.90
C VAL B 158 -14.45 21.01 -11.25
N ILE B 159 -15.36 20.10 -11.04
CA ILE B 159 -15.10 18.82 -10.39
C ILE B 159 -15.42 17.69 -11.39
N TRP B 160 -14.43 16.77 -11.50
CA TRP B 160 -14.48 15.59 -12.36
C TRP B 160 -14.96 14.39 -11.52
N VAL B 161 -16.13 13.84 -11.93
CA VAL B 161 -16.76 12.73 -11.22
C VAL B 161 -16.60 11.45 -12.02
N SER B 162 -15.84 10.48 -11.48
CA SER B 162 -15.69 9.17 -12.13
C SER B 162 -16.26 8.02 -11.27
N ILE B 163 -17.06 7.15 -11.93
CA ILE B 163 -17.59 5.92 -11.37
C ILE B 163 -17.03 4.67 -12.09
N ASP B 164 -16.13 3.92 -11.38
CA ASP B 164 -15.52 2.66 -11.84
C ASP B 164 -16.41 1.46 -11.47
N VAL B 165 -17.24 0.98 -12.39
CA VAL B 165 -18.08 -0.18 -12.13
C VAL B 165 -17.26 -1.48 -12.11
N PRO B 166 -17.33 -2.34 -11.04
CA PRO B 166 -16.55 -3.57 -11.04
C PRO B 166 -17.02 -4.60 -12.07
N THR B 167 -16.09 -5.49 -12.44
CA THR B 167 -16.41 -6.58 -13.36
C THR B 167 -17.64 -7.36 -12.88
N GLY B 168 -17.65 -7.70 -11.55
CA GLY B 168 -18.69 -8.52 -10.94
C GLY B 168 -20.04 -7.84 -10.64
N GLN B 169 -20.30 -6.62 -11.07
CA GLN B 169 -21.44 -5.92 -10.50
C GLN B 169 -22.75 -6.37 -11.14
N PRO B 170 -23.81 -6.55 -10.34
CA PRO B 170 -25.17 -6.74 -10.87
C PRO B 170 -25.74 -5.63 -11.76
N PRO B 171 -26.20 -5.97 -12.97
CA PRO B 171 -26.97 -4.96 -13.73
C PRO B 171 -28.01 -4.33 -12.81
N GLY B 172 -28.74 -3.32 -13.30
CA GLY B 172 -29.69 -2.59 -12.47
C GLY B 172 -29.53 -1.06 -12.56
N GLN B 173 -30.51 -0.35 -12.03
CA GLN B 173 -30.53 1.09 -12.11
C GLN B 173 -30.16 1.70 -10.75
N TYR B 174 -28.95 2.23 -10.59
CA TYR B 174 -28.41 2.69 -9.33
C TYR B 174 -28.60 4.21 -9.24
N GLU B 175 -28.61 4.75 -8.01
CA GLU B 175 -29.16 6.11 -7.76
C GLU B 175 -28.58 6.67 -6.49
N GLY B 176 -28.30 7.97 -6.48
CA GLY B 176 -27.55 8.52 -5.36
C GLY B 176 -27.57 10.02 -5.43
N GLU B 177 -26.73 10.65 -4.59
CA GLU B 177 -26.63 12.11 -4.58
C GLU B 177 -25.20 12.56 -4.21
N ILE B 178 -24.93 13.75 -4.74
CA ILE B 178 -23.80 14.54 -4.32
C ILE B 178 -24.39 15.86 -3.82
N ILE B 179 -23.87 16.27 -2.67
CA ILE B 179 -24.42 17.37 -1.91
C ILE B 179 -23.35 18.44 -1.79
N ILE B 180 -23.78 19.64 -2.20
CA ILE B 180 -22.92 20.81 -2.09
C ILE B 180 -23.56 21.75 -1.09
N SER B 181 -22.68 22.25 -0.19
CA SER B 181 -23.05 23.03 0.97
C SER B 181 -22.08 24.20 1.09
N ALA B 182 -22.57 25.42 1.01
CA ALA B 182 -21.83 26.60 1.29
C ALA B 182 -21.42 26.63 2.77
N MET B 183 -20.23 27.08 3.11
CA MET B 183 -19.81 27.09 4.50
C MET B 183 -19.53 28.49 5.06
N LYS B 184 -19.56 28.58 6.41
CA LYS B 184 -19.65 29.82 7.15
C LYS B 184 -18.34 30.64 7.10
N THR B 185 -17.21 30.04 7.47
CA THR B 185 -15.94 30.76 7.28
C THR B 185 -16.08 32.25 7.72
N ASP B 259 -20.79 17.10 7.52
CA ASP B 259 -20.35 17.85 8.72
C ASP B 259 -21.31 19.05 8.90
N VAL B 260 -21.49 19.84 7.80
CA VAL B 260 -22.31 21.08 7.79
C VAL B 260 -23.56 20.98 6.89
N VAL B 261 -23.75 19.84 6.23
CA VAL B 261 -24.92 19.55 5.40
C VAL B 261 -26.23 19.81 6.19
N SER B 262 -27.26 20.32 5.47
CA SER B 262 -28.55 20.71 6.03
C SER B 262 -29.61 20.81 4.92
N ASN B 263 -30.79 21.38 5.24
CA ASN B 263 -31.85 21.59 4.28
C ASN B 263 -31.40 22.64 3.25
N LEU B 264 -30.54 23.57 3.69
CA LEU B 264 -29.92 24.59 2.83
C LEU B 264 -29.03 24.02 1.69
N SER B 265 -28.46 22.81 1.83
CA SER B 265 -27.55 22.23 0.85
C SER B 265 -28.26 21.92 -0.46
N LEU B 266 -27.50 21.99 -1.57
CA LEU B 266 -28.00 21.71 -2.91
C LEU B 266 -27.67 20.25 -3.21
N ARG B 267 -28.67 19.58 -3.78
CA ARG B 267 -28.59 18.15 -4.05
C ARG B 267 -28.60 17.85 -5.55
N ILE B 268 -27.60 17.08 -5.98
CA ILE B 268 -27.50 16.62 -7.35
C ILE B 268 -27.88 15.14 -7.34
N LYS B 269 -28.84 14.75 -8.18
CA LYS B 269 -29.26 13.38 -8.42
C LYS B 269 -28.43 12.72 -9.52
N LEU B 270 -27.89 11.55 -9.24
CA LEU B 270 -27.30 10.65 -10.24
C LEU B 270 -28.18 9.40 -10.36
N ARG B 271 -28.38 8.96 -11.61
CA ARG B 271 -29.05 7.74 -12.00
C ARG B 271 -28.13 7.08 -13.02
N LEU B 272 -27.49 5.98 -12.65
CA LEU B 272 -26.58 5.24 -13.50
C LEU B 272 -27.12 3.83 -13.78
N THR B 273 -27.57 3.55 -15.00
CA THR B 273 -27.83 2.18 -15.45
C THR B 273 -26.56 1.37 -15.77
N VAL B 274 -26.27 0.35 -14.97
CA VAL B 274 -25.31 -0.69 -15.33
C VAL B 274 -26.04 -1.78 -16.14
N TRP B 275 -25.55 -2.04 -17.36
CA TRP B 275 -26.10 -3.05 -18.25
C TRP B 275 -25.16 -4.28 -18.30
N GLU B 276 -25.61 -5.24 -19.14
CA GLU B 276 -25.20 -6.65 -19.19
C GLU B 276 -23.74 -6.80 -19.60
N PHE B 277 -23.31 -6.05 -20.65
CA PHE B 277 -21.95 -6.15 -21.21
C PHE B 277 -20.89 -6.15 -20.09
N ILE B 278 -19.99 -7.11 -20.11
CA ILE B 278 -18.76 -6.97 -19.37
C ILE B 278 -17.66 -6.61 -20.38
N ILE B 279 -17.07 -5.41 -20.21
CA ILE B 279 -15.92 -4.96 -20.98
C ILE B 279 -14.76 -5.91 -20.70
N PRO B 280 -14.13 -6.46 -21.76
CA PRO B 280 -13.12 -7.49 -21.56
C PRO B 280 -12.00 -7.01 -20.63
N VAL B 281 -11.69 -7.82 -19.63
CA VAL B 281 -10.61 -7.59 -18.67
C VAL B 281 -9.27 -7.27 -19.34
N THR B 282 -8.88 -8.18 -20.26
CA THR B 282 -7.77 -7.98 -21.19
C THR B 282 -8.24 -7.12 -22.37
N PRO B 283 -7.70 -5.87 -22.55
CA PRO B 283 -7.95 -5.04 -23.74
C PRO B 283 -7.79 -5.70 -25.12
N SER B 284 -8.85 -5.50 -25.95
CA SER B 284 -8.88 -5.99 -27.33
C SER B 284 -7.82 -5.33 -28.23
N LEU B 285 -7.49 -4.05 -27.99
CA LEU B 285 -6.41 -3.35 -28.67
C LEU B 285 -5.27 -3.13 -27.69
N PRO B 286 -4.07 -3.71 -27.93
CA PRO B 286 -2.88 -3.30 -27.20
C PRO B 286 -2.46 -1.86 -27.53
N ALA B 287 -2.63 -1.01 -26.54
CA ALA B 287 -2.11 0.34 -26.54
C ALA B 287 -0.87 0.38 -25.65
N VAL B 288 0.32 0.38 -26.27
CA VAL B 288 1.55 0.39 -25.49
C VAL B 288 2.05 1.83 -25.33
N ILE B 289 2.56 2.13 -24.12
CA ILE B 289 2.79 3.51 -23.71
C ILE B 289 4.12 3.57 -22.98
N GLY B 290 5.07 4.28 -23.51
CA GLY B 290 6.37 4.37 -22.86
C GLY B 290 6.43 5.39 -21.73
N VAL B 291 7.47 5.22 -20.93
CA VAL B 291 7.67 5.90 -19.67
C VAL B 291 9.18 6.10 -19.51
N SER B 292 9.64 7.36 -19.54
CA SER B 292 11.07 7.60 -19.46
C SER B 292 11.49 7.14 -18.07
N ASP B 293 12.56 6.35 -18.02
CA ASP B 293 13.19 6.01 -16.76
C ASP B 293 14.14 7.12 -16.30
N THR B 294 14.79 7.83 -17.21
CA THR B 294 15.70 8.90 -16.80
C THR B 294 14.91 10.01 -16.11
N VAL B 295 13.66 10.22 -16.55
CA VAL B 295 12.80 11.20 -15.91
C VAL B 295 12.57 10.78 -14.45
N ILE B 296 12.09 9.55 -14.23
CA ILE B 296 11.90 9.09 -12.87
C ILE B 296 13.18 9.19 -12.03
N GLU B 297 14.31 8.70 -12.55
CA GLU B 297 15.58 8.71 -11.82
C GLU B 297 15.93 10.12 -11.36
N ASP B 298 15.95 11.07 -12.27
CA ASP B 298 16.24 12.49 -12.00
C ASP B 298 15.26 13.21 -11.04
N ARG B 299 13.96 13.21 -11.38
CA ARG B 299 12.99 14.02 -10.66
C ARG B 299 12.77 13.52 -9.25
N PHE B 300 12.70 12.18 -9.06
CA PHE B 300 12.48 11.57 -7.75
C PHE B 300 13.79 11.21 -7.03
N ALA B 301 14.94 11.40 -7.69
CA ALA B 301 16.28 11.28 -7.09
C ALA B 301 16.60 9.84 -6.62
N VAL B 302 16.39 8.85 -7.50
CA VAL B 302 16.57 7.43 -7.22
C VAL B 302 17.55 6.85 -8.24
N GLU B 303 18.78 6.52 -7.78
CA GLU B 303 19.84 5.82 -8.53
C GLU B 303 19.20 4.59 -9.17
N HIS B 304 19.43 4.49 -10.49
CA HIS B 304 19.01 3.36 -11.29
C HIS B 304 19.50 2.06 -10.64
N GLY B 305 18.63 1.04 -10.49
CA GLY B 305 19.04 -0.17 -9.80
C GLY B 305 18.56 -0.26 -8.35
N SER B 306 18.60 0.85 -7.60
CA SER B 306 18.31 0.88 -6.17
C SER B 306 16.95 0.27 -5.84
N GLU B 307 16.69 0.18 -4.51
CA GLU B 307 15.47 -0.40 -4.01
C GLU B 307 14.34 0.65 -4.07
N ASP B 308 14.70 1.90 -3.73
CA ASP B 308 13.81 3.04 -3.95
C ASP B 308 13.34 3.17 -5.43
N TRP B 309 14.27 3.09 -6.37
CA TRP B 309 13.99 2.92 -7.78
C TRP B 309 13.01 1.79 -8.04
N TYR B 310 13.27 0.59 -7.53
CA TYR B 310 12.34 -0.48 -7.87
C TYR B 310 10.94 -0.11 -7.39
N LYS B 311 10.85 0.52 -6.21
CA LYS B 311 9.53 0.79 -5.59
C LYS B 311 8.77 1.86 -6.40
N LYS B 312 9.52 2.84 -6.86
CA LYS B 312 9.01 3.90 -7.68
C LYS B 312 8.45 3.41 -9.03
N LEU B 313 9.19 2.57 -9.78
CA LEU B 313 8.66 1.97 -11.01
C LEU B 313 7.40 1.18 -10.74
N ASP B 314 7.40 0.42 -9.60
CA ASP B 314 6.26 -0.38 -9.17
C ASP B 314 4.97 0.47 -9.05
N LEU B 315 5.11 1.62 -8.37
CA LEU B 315 4.01 2.57 -8.20
C LEU B 315 3.41 2.99 -9.56
N HIS B 316 4.30 3.33 -10.51
CA HIS B 316 3.89 3.79 -11.84
C HIS B 316 3.19 2.68 -12.59
N PHE B 317 3.78 1.48 -12.57
CA PHE B 317 3.23 0.42 -13.40
C PHE B 317 1.78 0.10 -13.02
N LYS B 318 1.51 0.00 -11.70
CA LYS B 318 0.20 -0.39 -11.17
C LYS B 318 -0.88 0.70 -11.39
N TRP B 319 -0.45 1.98 -11.22
CA TRP B 319 -1.31 3.12 -11.50
C TRP B 319 -1.79 3.15 -12.97
N LEU B 320 -0.83 2.93 -13.92
CA LEU B 320 -1.15 3.04 -15.36
C LEU B 320 -2.09 1.95 -15.91
N LEU B 321 -2.12 0.75 -15.30
CA LEU B 321 -2.93 -0.34 -15.82
C LEU B 321 -4.41 -0.11 -15.69
N GLN B 322 -4.83 0.89 -14.90
CA GLN B 322 -6.26 1.20 -14.77
C GLN B 322 -6.75 1.85 -16.05
N TYR B 323 -5.82 2.23 -16.96
CA TYR B 323 -6.14 3.05 -18.12
C TYR B 323 -6.25 2.20 -19.40
N ARG B 324 -6.37 0.87 -19.29
CA ARG B 324 -6.41 -0.10 -20.36
C ARG B 324 -5.20 -0.01 -21.29
N ILE B 325 -4.02 0.14 -20.71
CA ILE B 325 -2.81 0.39 -21.47
C ILE B 325 -1.73 -0.52 -20.91
N SER B 326 -0.65 -0.72 -21.70
CA SER B 326 0.38 -1.68 -21.37
C SER B 326 1.69 -0.94 -21.35
N PRO B 327 2.10 -0.42 -20.21
CA PRO B 327 3.31 0.38 -20.15
C PRO B 327 4.62 -0.34 -20.47
N TYR B 328 5.63 0.45 -20.85
CA TYR B 328 7.00 -0.02 -20.93
C TYR B 328 7.85 1.15 -20.45
N PHE B 329 8.89 0.85 -19.69
CA PHE B 329 9.87 1.87 -19.35
C PHE B 329 10.84 1.94 -20.54
N CYS B 330 11.54 3.07 -20.73
CA CYS B 330 12.21 3.38 -21.96
C CYS B 330 13.42 4.23 -21.67
N LYS B 331 14.58 3.75 -22.12
CA LYS B 331 15.80 4.55 -22.20
C LYS B 331 16.24 4.57 -23.66
N TRP B 332 16.47 5.79 -24.15
CA TRP B 332 17.00 6.04 -25.47
C TRP B 332 18.52 5.99 -25.40
N GLY B 333 19.14 5.55 -26.54
CA GLY B 333 20.59 5.40 -26.71
C GLY B 333 21.11 6.09 -27.96
N GLU B 334 22.39 5.88 -28.31
CA GLU B 334 23.00 6.49 -29.50
C GLU B 334 22.11 6.21 -30.72
N SER B 335 21.75 7.29 -31.47
CA SER B 335 21.06 7.26 -32.77
C SER B 335 19.64 6.69 -32.68
N MET B 336 19.11 6.70 -31.43
CA MET B 336 17.72 6.44 -31.08
C MET B 336 17.44 4.93 -31.02
N ARG B 337 18.47 4.15 -30.71
CA ARG B 337 18.24 2.81 -30.17
C ARG B 337 17.40 2.90 -28.90
N VAL B 338 16.61 1.87 -28.57
CA VAL B 338 15.83 1.94 -27.35
C VAL B 338 16.03 0.66 -26.55
N LEU B 339 16.33 0.86 -25.25
CA LEU B 339 16.11 -0.15 -24.23
C LEU B 339 14.70 0.02 -23.63
N THR B 340 13.79 -0.96 -23.90
CA THR B 340 12.42 -0.97 -23.45
C THR B 340 12.09 -2.21 -22.64
N TYR B 341 11.43 -2.01 -21.49
CA TYR B 341 11.14 -3.11 -20.59
C TYR B 341 9.93 -2.77 -19.78
N THR B 342 8.90 -3.63 -19.85
CA THR B 342 7.73 -3.52 -18.99
C THR B 342 8.01 -3.83 -17.50
N SER B 343 8.65 -4.98 -17.21
CA SER B 343 9.11 -5.38 -15.89
C SER B 343 10.59 -5.05 -15.71
N PRO B 344 11.00 -4.33 -14.62
CA PRO B 344 12.44 -4.16 -14.25
C PRO B 344 13.05 -5.33 -13.44
N TRP B 345 12.22 -6.39 -13.28
CA TRP B 345 12.42 -7.54 -12.40
C TRP B 345 12.89 -8.72 -13.26
N PRO B 346 14.00 -9.42 -12.90
CA PRO B 346 14.43 -10.65 -13.59
C PRO B 346 13.28 -11.67 -13.70
N ALA B 347 13.30 -12.51 -14.72
CA ALA B 347 12.14 -13.28 -15.15
C ALA B 347 11.76 -14.47 -14.24
N ASP B 348 12.70 -14.86 -13.34
CA ASP B 348 12.52 -15.96 -12.37
C ASP B 348 12.07 -15.43 -11.00
N HIS B 349 12.32 -14.11 -10.74
CA HIS B 349 11.71 -13.30 -9.66
C HIS B 349 10.18 -13.31 -9.73
N PRO B 350 9.52 -13.52 -8.57
CA PRO B 350 8.07 -13.71 -8.57
C PRO B 350 7.29 -12.46 -9.01
N LYS B 351 7.97 -11.29 -8.96
CA LYS B 351 7.40 -9.99 -9.34
C LYS B 351 7.22 -9.89 -10.87
N SER B 352 8.24 -10.32 -11.65
CA SER B 352 8.12 -10.60 -13.07
C SER B 352 6.75 -11.19 -13.40
N ASP B 353 6.35 -12.26 -12.73
CA ASP B 353 5.14 -12.94 -13.14
C ASP B 353 3.90 -12.37 -12.46
N GLU B 354 4.04 -11.50 -11.47
CA GLU B 354 2.90 -10.69 -11.01
C GLU B 354 2.48 -9.63 -12.04
N TYR B 355 3.48 -8.94 -12.65
CA TYR B 355 3.28 -7.99 -13.74
C TYR B 355 2.78 -8.69 -15.00
N LEU B 356 3.67 -9.58 -15.52
CA LEU B 356 3.56 -10.11 -16.90
C LEU B 356 2.32 -10.98 -17.08
N SER B 357 1.86 -11.59 -16.00
CA SER B 357 0.70 -12.45 -16.06
C SER B 357 -0.60 -11.69 -15.76
N ASP B 358 -0.54 -10.41 -15.29
CA ASP B 358 -1.73 -9.63 -14.94
C ASP B 358 -2.60 -9.51 -16.18
N SER B 359 -3.93 -9.80 -16.10
CA SER B 359 -4.80 -9.95 -17.29
C SER B 359 -5.01 -8.63 -18.02
N ARG B 360 -4.81 -7.54 -17.27
CA ARG B 360 -5.08 -6.19 -17.74
C ARG B 360 -3.98 -5.77 -18.72
N LEU B 361 -2.83 -6.45 -18.69
CA LEU B 361 -1.68 -6.10 -19.52
C LEU B 361 -1.63 -6.90 -20.84
N ALA B 362 -2.01 -6.27 -21.97
CA ALA B 362 -2.19 -6.96 -23.24
C ALA B 362 -0.88 -7.16 -24.00
N ALA B 363 0.21 -6.45 -23.65
CA ALA B 363 1.48 -6.65 -24.34
C ALA B 363 2.63 -6.09 -23.52
N TYR B 364 3.82 -6.71 -23.64
CA TYR B 364 4.96 -6.33 -22.80
C TYR B 364 6.28 -6.41 -23.52
N ALA B 365 7.08 -5.37 -23.27
CA ALA B 365 8.40 -5.19 -23.81
C ALA B 365 9.37 -6.05 -23.02
N VAL B 366 10.25 -6.74 -23.76
CA VAL B 366 11.35 -7.49 -23.19
C VAL B 366 12.63 -6.77 -23.60
N PRO B 367 13.47 -6.39 -22.63
CA PRO B 367 14.66 -5.61 -22.94
C PRO B 367 15.66 -6.46 -23.67
N TYR B 368 16.37 -5.78 -24.57
CA TYR B 368 17.39 -6.42 -25.38
C TYR B 368 18.63 -6.77 -24.56
N ARG B 369 19.02 -5.88 -23.66
CA ARG B 369 20.17 -6.07 -22.78
C ARG B 369 19.75 -5.87 -21.31
N GLN B 370 20.70 -5.99 -20.39
CA GLN B 370 20.41 -5.91 -18.96
C GLN B 370 19.96 -4.49 -18.61
N VAL B 371 18.79 -4.42 -17.94
CA VAL B 371 18.30 -3.22 -17.27
C VAL B 371 19.33 -2.86 -16.22
N ILE B 372 19.59 -3.75 -15.25
CA ILE B 372 20.57 -3.49 -14.20
C ILE B 372 21.89 -4.23 -14.51
N ALA B 373 23.01 -3.49 -14.59
CA ALA B 373 24.33 -4.05 -14.89
C ALA B 373 24.69 -5.17 -13.89
N GLY B 374 25.28 -6.24 -14.45
CA GLY B 374 25.90 -7.30 -13.69
C GLY B 374 27.11 -7.89 -14.43
N ASP B 375 27.34 -9.18 -14.20
CA ASP B 375 28.57 -9.82 -14.66
C ASP B 375 28.40 -10.41 -16.06
N ASP B 376 27.36 -11.24 -16.23
CA ASP B 376 27.22 -12.13 -17.38
C ASP B 376 27.15 -11.25 -18.64
N SER B 377 27.89 -11.58 -19.71
CA SER B 377 27.92 -10.71 -20.88
C SER B 377 26.55 -10.78 -21.55
N ARG B 378 26.37 -9.91 -22.56
CA ARG B 378 25.06 -9.41 -22.99
C ARG B 378 24.25 -10.55 -23.66
N GLU B 379 24.88 -11.37 -24.53
CA GLU B 379 24.19 -12.54 -25.12
C GLU B 379 23.81 -13.55 -24.04
N SER B 380 24.65 -13.69 -23.00
CA SER B 380 24.42 -14.68 -21.96
C SER B 380 23.14 -14.30 -21.23
N TYR B 381 22.99 -13.03 -20.77
CA TYR B 381 21.75 -12.54 -20.14
C TYR B 381 20.55 -12.87 -21.06
N LEU B 382 20.71 -12.55 -22.34
CA LEU B 382 19.56 -12.53 -23.23
C LEU B 382 19.02 -13.96 -23.36
N ARG B 383 19.93 -14.93 -23.51
CA ARG B 383 19.56 -16.32 -23.67
C ARG B 383 18.88 -16.83 -22.39
N LYS B 384 19.45 -16.52 -21.22
CA LYS B 384 18.87 -17.03 -19.98
C LYS B 384 17.42 -16.56 -19.79
N GLU B 385 17.20 -15.29 -20.18
CA GLU B 385 15.98 -14.54 -19.88
C GLU B 385 14.85 -14.97 -20.80
N VAL B 386 15.20 -15.23 -22.07
CA VAL B 386 14.24 -15.70 -23.06
C VAL B 386 13.86 -17.17 -22.75
N GLU B 387 14.86 -17.99 -22.35
CA GLU B 387 14.62 -19.37 -21.97
C GLU B 387 13.55 -19.36 -20.89
N ILE B 388 13.65 -18.48 -19.86
CA ILE B 388 12.68 -18.45 -18.77
C ILE B 388 11.27 -18.04 -19.22
N LEU B 389 11.18 -17.03 -20.09
CA LEU B 389 9.89 -16.44 -20.47
C LEU B 389 9.18 -17.28 -21.55
N ARG B 390 10.00 -17.84 -22.51
CA ARG B 390 9.62 -18.74 -23.59
C ARG B 390 8.60 -19.80 -23.13
N SER B 391 8.81 -20.33 -21.90
CA SER B 391 8.05 -21.41 -21.29
C SER B 391 6.75 -20.95 -20.62
N LYS B 392 6.64 -19.66 -20.19
CA LYS B 392 5.50 -19.18 -19.39
C LYS B 392 4.26 -18.89 -20.23
N PRO B 393 3.01 -18.98 -19.70
CA PRO B 393 1.80 -18.84 -20.53
C PRO B 393 1.44 -17.43 -21.06
N HIS B 394 2.29 -16.44 -20.78
CA HIS B 394 2.00 -15.04 -21.07
C HIS B 394 2.97 -14.50 -22.13
N TRP B 395 3.60 -15.42 -22.87
CA TRP B 395 4.73 -15.12 -23.75
C TRP B 395 4.22 -14.78 -25.16
N ASN B 396 2.94 -15.12 -25.37
CA ASN B 396 2.21 -14.71 -26.56
C ASN B 396 2.05 -13.19 -26.56
N LYS B 397 2.34 -12.53 -25.42
CA LYS B 397 2.13 -11.09 -25.21
C LYS B 397 3.43 -10.32 -25.39
N ALA B 398 4.59 -11.02 -25.41
CA ALA B 398 5.88 -10.34 -25.51
C ALA B 398 6.02 -9.64 -26.85
N TYR B 399 6.97 -8.67 -26.88
CA TYR B 399 7.44 -8.02 -28.09
C TYR B 399 8.76 -7.37 -27.73
N PHE B 400 9.54 -7.06 -28.78
CA PHE B 400 10.81 -6.36 -28.59
C PHE B 400 10.74 -5.05 -29.37
N TYR B 401 11.03 -3.90 -28.72
CA TYR B 401 11.12 -2.63 -29.41
C TYR B 401 12.57 -2.20 -29.26
N LEU B 402 13.27 -2.07 -30.41
CA LEU B 402 14.73 -1.90 -30.40
C LEU B 402 15.24 -0.58 -30.97
N TRP B 403 14.54 -0.04 -31.97
CA TRP B 403 14.96 1.21 -32.57
C TRP B 403 13.75 2.10 -32.82
N ASP B 404 13.89 3.37 -32.40
CA ASP B 404 12.86 4.39 -32.50
C ASP B 404 13.18 5.21 -33.76
N GLU B 405 12.34 5.01 -34.82
CA GLU B 405 12.44 5.76 -36.09
C GLU B 405 13.84 5.61 -36.73
N PRO B 406 14.24 4.40 -37.24
CA PRO B 406 15.44 4.27 -38.09
C PRO B 406 15.32 5.17 -39.34
N LEU B 407 16.41 5.83 -39.76
CA LEU B 407 16.36 7.02 -40.61
C LEU B 407 17.14 6.81 -41.91
N ASN B 408 18.25 6.07 -41.81
CA ASN B 408 19.15 5.77 -42.91
C ASN B 408 19.56 4.31 -42.83
N MET B 409 20.42 3.89 -43.75
CA MET B 409 20.48 2.48 -44.08
C MET B 409 21.18 1.76 -42.92
N GLU B 410 22.11 2.43 -42.22
CA GLU B 410 22.82 1.80 -41.12
C GLU B 410 21.88 1.41 -39.95
N HIS B 411 20.78 2.19 -39.75
CA HIS B 411 19.80 1.93 -38.69
C HIS B 411 18.97 0.69 -38.98
N PHE B 412 18.45 0.67 -40.19
CA PHE B 412 17.68 -0.47 -40.68
C PHE B 412 18.55 -1.72 -40.61
N ASP B 413 19.84 -1.56 -40.92
CA ASP B 413 20.78 -2.64 -40.90
C ASP B 413 20.88 -3.25 -39.49
N ASN B 414 21.24 -2.35 -38.53
CA ASN B 414 21.40 -2.66 -37.12
C ASN B 414 20.14 -3.32 -36.53
N VAL B 415 18.94 -2.89 -36.93
CA VAL B 415 17.73 -3.58 -36.46
C VAL B 415 17.74 -5.05 -36.88
N ARG B 416 18.07 -5.29 -38.18
CA ARG B 416 18.13 -6.61 -38.79
C ARG B 416 19.15 -7.45 -38.00
N LYS B 417 20.38 -6.90 -37.72
CA LYS B 417 21.39 -7.61 -36.92
C LYS B 417 20.85 -7.97 -35.53
N MET B 418 20.24 -6.99 -34.84
CA MET B 418 19.80 -7.14 -33.46
C MET B 418 18.73 -8.21 -33.41
N ALA B 419 17.76 -8.17 -34.36
CA ALA B 419 16.64 -9.10 -34.34
C ALA B 419 17.08 -10.54 -34.57
N SER B 420 18.18 -10.78 -35.32
CA SER B 420 18.60 -12.14 -35.68
C SER B 420 19.15 -12.83 -34.45
N GLU B 421 19.95 -12.07 -33.64
CA GLU B 421 20.40 -12.50 -32.32
C GLU B 421 19.22 -13.09 -31.53
N ILE B 422 18.09 -12.36 -31.42
CA ILE B 422 16.88 -12.79 -30.72
C ILE B 422 16.14 -14.00 -31.37
N TYR B 423 16.07 -14.08 -32.72
CA TYR B 423 15.39 -15.20 -33.37
C TYR B 423 16.11 -16.54 -33.15
N ALA B 424 17.44 -16.45 -32.87
CA ALA B 424 18.35 -17.54 -32.50
C ALA B 424 17.90 -18.23 -31.19
N TYR B 425 17.31 -17.48 -30.26
CA TYR B 425 16.93 -18.03 -28.98
C TYR B 425 15.42 -18.27 -28.93
N ALA B 426 14.62 -17.58 -29.74
CA ALA B 426 13.18 -17.83 -29.84
C ALA B 426 12.71 -17.26 -31.16
N PRO B 427 12.57 -18.08 -32.22
CA PRO B 427 12.26 -17.52 -33.53
C PRO B 427 10.80 -17.06 -33.68
N ASP B 428 9.93 -17.25 -32.68
CA ASP B 428 8.56 -16.74 -32.71
C ASP B 428 8.42 -15.35 -32.04
N SER B 429 9.51 -14.81 -31.45
CA SER B 429 9.60 -13.43 -30.95
C SER B 429 9.05 -12.39 -31.94
N ARG B 430 8.25 -11.45 -31.43
CA ARG B 430 7.79 -10.34 -32.26
C ARG B 430 8.69 -9.13 -32.01
N VAL B 431 9.21 -8.54 -33.10
CA VAL B 431 9.99 -7.30 -33.07
C VAL B 431 9.11 -6.17 -33.63
N LEU B 432 9.14 -5.07 -32.90
CA LEU B 432 8.32 -3.90 -33.20
C LEU B 432 9.30 -2.81 -33.58
N THR B 433 9.00 -2.21 -34.75
CA THR B 433 9.78 -1.07 -35.21
C THR B 433 8.82 0.06 -35.58
N THR B 434 9.19 1.26 -35.12
CA THR B 434 8.46 2.48 -35.41
C THR B 434 9.17 3.18 -36.54
N TYR B 435 8.41 3.77 -37.50
CA TYR B 435 9.14 4.56 -38.49
C TYR B 435 8.15 5.46 -39.19
N TYR B 436 8.66 6.54 -39.82
CA TYR B 436 7.87 7.41 -40.69
C TYR B 436 8.48 7.63 -42.09
N CYS B 437 9.59 6.96 -42.37
CA CYS B 437 10.36 7.21 -43.58
C CYS B 437 11.17 5.96 -43.87
N GLY B 438 11.59 5.84 -45.13
CA GLY B 438 12.51 4.79 -45.50
C GLY B 438 13.91 5.35 -45.33
N PRO B 439 14.95 4.60 -45.74
CA PRO B 439 16.31 5.09 -45.61
C PRO B 439 16.50 6.32 -46.50
N GLY B 440 16.94 7.43 -45.91
CA GLY B 440 17.08 8.67 -46.62
C GLY B 440 18.38 8.69 -47.41
N ASP B 441 19.37 7.90 -47.02
CA ASP B 441 20.58 7.81 -47.83
C ASP B 441 20.54 6.61 -48.81
N ALA B 442 19.46 5.83 -48.88
CA ALA B 442 19.30 4.84 -49.95
C ALA B 442 17.80 4.62 -50.22
N PRO B 443 17.11 5.63 -50.80
CA PRO B 443 15.65 5.55 -50.95
C PRO B 443 15.25 4.26 -51.67
N LEU B 444 14.15 3.63 -51.23
CA LEU B 444 13.63 2.42 -51.86
C LEU B 444 12.72 2.74 -53.05
N ALA B 445 12.49 4.04 -53.33
CA ALA B 445 11.55 4.46 -54.36
C ALA B 445 11.75 5.95 -54.63
N PRO B 446 11.29 6.45 -55.79
CA PRO B 446 11.53 7.85 -56.16
C PRO B 446 10.83 8.95 -55.36
N THR B 447 9.89 8.63 -54.48
CA THR B 447 9.35 9.66 -53.60
C THR B 447 9.35 9.16 -52.15
N PRO B 448 9.40 10.07 -51.15
CA PRO B 448 9.36 9.69 -49.73
C PRO B 448 8.12 8.88 -49.29
N PHE B 449 6.89 9.31 -49.65
CA PHE B 449 5.74 8.50 -49.31
C PHE B 449 5.90 7.08 -49.86
N GLU B 450 6.24 6.98 -51.15
CA GLU B 450 6.45 5.68 -51.80
C GLU B 450 7.60 4.90 -51.14
N SER B 451 8.62 5.58 -50.58
CA SER B 451 9.76 4.86 -50.02
C SER B 451 9.39 4.26 -48.65
N PHE B 452 8.62 5.07 -47.87
CA PHE B 452 7.95 4.66 -46.63
C PHE B 452 7.09 3.40 -46.81
N VAL B 453 6.19 3.37 -47.81
CA VAL B 453 5.35 2.20 -48.06
C VAL B 453 6.17 0.94 -48.31
N LYS B 454 7.44 1.05 -48.71
CA LYS B 454 8.19 -0.13 -49.10
C LYS B 454 9.04 -0.69 -47.97
N VAL B 455 9.14 0.04 -46.85
CA VAL B 455 9.99 -0.31 -45.70
C VAL B 455 9.83 -1.81 -45.30
N PRO B 456 8.61 -2.41 -45.17
CA PRO B 456 8.52 -3.86 -44.91
C PRO B 456 9.37 -4.76 -45.83
N ASN B 457 9.47 -4.44 -47.15
CA ASN B 457 10.23 -5.26 -48.11
C ASN B 457 11.72 -5.27 -47.76
N LEU B 458 12.22 -4.23 -47.08
CA LEU B 458 13.61 -4.09 -46.60
C LEU B 458 13.87 -4.74 -45.26
N LEU B 459 12.91 -4.70 -44.31
CA LEU B 459 13.20 -5.20 -42.96
C LEU B 459 12.86 -6.69 -42.87
N ARG B 460 11.85 -7.17 -43.65
CA ARG B 460 11.38 -8.55 -43.52
C ARG B 460 12.54 -9.54 -43.71
N PRO B 461 12.55 -10.67 -42.95
CA PRO B 461 11.59 -10.90 -41.84
C PRO B 461 12.17 -10.47 -40.48
N TYR B 462 12.96 -9.40 -40.41
CA TYR B 462 13.54 -8.95 -39.14
C TYR B 462 12.69 -7.85 -38.46
N THR B 463 11.36 -7.79 -38.74
CA THR B 463 10.41 -7.05 -37.91
C THR B 463 9.04 -7.68 -38.18
N GLN B 464 8.25 -7.83 -37.12
CA GLN B 464 6.94 -8.47 -37.15
C GLN B 464 5.82 -7.47 -36.95
N ILE B 465 6.07 -6.45 -36.10
CA ILE B 465 5.08 -5.40 -35.87
C ILE B 465 5.62 -4.13 -36.51
N TYR B 466 4.82 -3.66 -37.48
CA TYR B 466 5.17 -2.59 -38.40
C TYR B 466 4.40 -1.38 -37.93
N CYS B 467 5.09 -0.51 -37.16
CA CYS B 467 4.39 0.55 -36.43
C CYS B 467 4.70 1.92 -37.04
N THR B 468 3.67 2.54 -37.65
CA THR B 468 3.86 3.62 -38.60
C THR B 468 3.34 4.92 -38.00
N SER B 469 3.94 6.04 -38.41
CA SER B 469 3.49 7.40 -38.11
C SER B 469 2.17 7.68 -38.84
N GLU B 470 1.18 8.09 -38.06
CA GLU B 470 -0.08 8.55 -38.61
C GLU B 470 0.09 9.88 -39.36
N TRP B 471 0.99 10.81 -38.94
CA TRP B 471 1.19 12.09 -39.60
CA TRP B 471 1.23 12.11 -39.60
C TRP B 471 1.44 11.89 -41.10
N VAL B 472 2.07 10.76 -41.48
CA VAL B 472 2.51 10.50 -42.83
C VAL B 472 1.34 10.31 -43.81
N LEU B 473 0.19 9.81 -43.35
CA LEU B 473 -0.97 9.69 -44.23
C LEU B 473 -1.69 11.01 -44.51
N GLY B 474 -1.26 12.16 -43.96
CA GLY B 474 -2.10 13.34 -44.14
C GLY B 474 -3.54 12.99 -43.73
N ASN B 475 -4.56 13.38 -44.53
CA ASN B 475 -5.94 13.04 -44.24
C ASN B 475 -6.51 12.09 -45.31
N ARG B 476 -5.71 11.10 -45.71
CA ARG B 476 -6.13 10.09 -46.66
C ARG B 476 -6.21 8.73 -46.01
N GLU B 477 -7.45 8.28 -45.73
CA GLU B 477 -7.71 6.94 -45.21
C GLU B 477 -7.59 5.87 -46.28
N ASP B 478 -7.71 6.29 -47.56
CA ASP B 478 -7.67 5.39 -48.70
C ASP B 478 -6.28 4.80 -48.85
N LEU B 479 -5.24 5.54 -48.42
CA LEU B 479 -3.87 5.05 -48.57
C LEU B 479 -3.48 4.02 -47.52
N VAL B 480 -4.33 3.79 -46.51
CA VAL B 480 -4.05 2.67 -45.60
C VAL B 480 -3.80 1.36 -46.39
N LYS B 481 -4.56 1.17 -47.50
CA LYS B 481 -4.44 0.02 -48.40
C LYS B 481 -3.02 -0.15 -48.98
N ASP B 482 -2.37 0.96 -49.32
CA ASP B 482 -1.01 0.95 -49.86
C ASP B 482 -0.04 0.34 -48.86
N ILE B 483 -0.27 0.53 -47.55
CA ILE B 483 0.64 0.04 -46.53
C ILE B 483 0.42 -1.45 -46.34
N LEU B 484 -0.84 -1.83 -46.28
CA LEU B 484 -1.24 -3.17 -45.91
C LEU B 484 -0.84 -4.13 -47.02
N ASP B 485 -0.85 -3.62 -48.26
CA ASP B 485 -0.52 -4.42 -49.44
C ASP B 485 0.91 -4.95 -49.48
N GLU B 486 1.83 -4.29 -48.78
CA GLU B 486 3.22 -4.73 -48.63
C GLU B 486 3.43 -5.65 -47.44
N LEU B 487 2.36 -5.97 -46.71
CA LEU B 487 2.43 -6.75 -45.48
C LEU B 487 1.78 -8.11 -45.71
N GLN B 488 2.38 -9.09 -45.05
CA GLN B 488 2.00 -10.48 -45.12
C GLN B 488 1.37 -10.82 -43.78
N THR B 489 0.15 -10.32 -43.53
CA THR B 489 -0.60 -10.55 -42.29
C THR B 489 -1.09 -11.98 -42.13
N GLU B 490 -0.83 -12.85 -43.11
CA GLU B 490 -1.18 -14.25 -43.00
C GLU B 490 0.02 -14.99 -42.39
N ASN B 491 1.22 -14.37 -42.40
CA ASN B 491 2.43 -14.90 -41.74
C ASN B 491 2.70 -14.17 -40.42
N GLY B 492 1.64 -13.79 -39.67
CA GLY B 492 1.73 -13.06 -38.40
C GLY B 492 2.54 -11.76 -38.52
N GLU B 493 2.21 -10.92 -39.48
CA GLU B 493 2.70 -9.56 -39.50
C GLU B 493 1.52 -8.66 -39.13
N GLU B 494 1.84 -7.57 -38.40
CA GLU B 494 0.80 -6.71 -37.86
C GLU B 494 1.15 -5.29 -38.25
N TRP B 495 0.09 -4.49 -38.34
CA TRP B 495 0.21 -3.06 -38.60
C TRP B 495 -0.32 -2.28 -37.39
N TRP B 496 0.60 -1.54 -36.75
CA TRP B 496 0.22 -0.61 -35.69
C TRP B 496 0.50 0.83 -36.11
N THR B 497 -0.12 1.78 -35.39
CA THR B 497 0.15 3.19 -35.63
C THR B 497 0.65 3.90 -34.37
N TYR B 498 1.11 5.14 -34.59
CA TYR B 498 1.46 6.04 -33.52
C TYR B 498 1.23 7.49 -33.90
N ILE B 499 1.13 8.30 -32.83
CA ILE B 499 0.99 9.75 -32.87
C ILE B 499 2.08 10.37 -31.96
N CYS B 500 2.41 11.63 -32.24
CA CYS B 500 3.55 12.32 -31.68
C CYS B 500 3.25 13.81 -31.92
N LEU B 501 4.26 14.59 -32.31
CA LEU B 501 4.11 16.03 -32.53
C LEU B 501 3.24 16.26 -33.77
N GLY B 502 3.12 15.23 -34.63
CA GLY B 502 2.03 15.23 -35.58
C GLY B 502 1.20 13.97 -35.51
N PRO B 503 -0.01 13.99 -36.09
CA PRO B 503 -0.60 15.13 -36.80
C PRO B 503 -1.09 16.24 -35.88
N SER B 504 -1.21 17.46 -36.47
CA SER B 504 -1.65 18.61 -35.70
C SER B 504 -3.11 18.97 -36.03
N ASP B 505 -3.55 20.10 -35.48
CA ASP B 505 -4.93 20.54 -35.48
C ASP B 505 -5.30 20.62 -36.94
N PRO B 506 -6.51 20.25 -37.43
CA PRO B 506 -7.61 19.76 -36.59
C PRO B 506 -7.70 18.24 -36.40
N HIS B 507 -6.62 17.52 -36.73
CA HIS B 507 -6.59 16.07 -36.59
C HIS B 507 -6.58 15.72 -35.09
N PRO B 508 -6.92 14.45 -34.72
CA PRO B 508 -6.94 13.97 -33.33
C PRO B 508 -5.54 13.75 -32.78
N ASN B 509 -5.32 14.27 -31.55
CA ASN B 509 -4.06 14.09 -30.86
C ASN B 509 -4.22 14.64 -29.44
N TRP B 510 -3.12 14.59 -28.67
CA TRP B 510 -3.13 14.93 -27.26
C TRP B 510 -2.21 16.11 -26.97
N HIS B 511 -2.28 17.16 -27.82
CA HIS B 511 -1.58 18.40 -27.58
C HIS B 511 -2.46 19.27 -26.66
N LEU B 512 -1.86 19.89 -25.63
CA LEU B 512 -2.61 20.88 -24.83
C LEU B 512 -3.29 21.94 -25.73
N GLY B 513 -4.58 22.21 -25.40
CA GLY B 513 -5.44 23.11 -26.17
C GLY B 513 -6.46 22.41 -27.07
N MET B 514 -6.15 21.20 -27.52
CA MET B 514 -7.12 20.41 -28.25
C MET B 514 -8.38 20.11 -27.42
N ARG B 515 -9.51 20.12 -28.15
CA ARG B 515 -10.88 19.95 -27.63
C ARG B 515 -11.07 18.52 -27.15
N GLY B 516 -12.03 18.28 -26.26
CA GLY B 516 -12.14 16.95 -25.66
C GLY B 516 -12.45 15.83 -26.67
N THR B 517 -13.40 16.06 -27.57
CA THR B 517 -13.80 15.06 -28.56
C THR B 517 -12.69 14.81 -29.59
N GLN B 518 -11.86 15.85 -29.81
CA GLN B 518 -10.62 15.75 -30.59
C GLN B 518 -9.62 14.74 -29.97
N GLN B 519 -9.48 14.75 -28.62
CA GLN B 519 -8.64 13.85 -27.85
C GLN B 519 -9.15 12.38 -27.87
N ARG B 520 -10.47 12.21 -27.80
CA ARG B 520 -11.12 10.90 -27.74
C ARG B 520 -11.09 10.25 -29.13
N ALA B 521 -11.07 11.11 -30.18
CA ALA B 521 -11.15 10.64 -31.55
C ALA B 521 -9.88 9.93 -32.02
N VAL B 522 -8.78 10.01 -31.24
CA VAL B 522 -7.58 9.26 -31.52
C VAL B 522 -7.96 7.78 -31.69
N MET B 523 -8.96 7.35 -30.93
CA MET B 523 -9.25 5.94 -30.80
C MET B 523 -10.40 5.52 -31.72
N TRP B 524 -11.34 6.42 -31.99
CA TRP B 524 -12.27 6.23 -33.12
C TRP B 524 -11.53 5.97 -34.45
N ARG B 525 -10.51 6.80 -34.74
CA ARG B 525 -9.69 6.67 -35.92
C ARG B 525 -8.88 5.37 -35.93
N VAL B 526 -8.30 4.99 -34.80
CA VAL B 526 -7.61 3.72 -34.69
C VAL B 526 -8.52 2.50 -34.94
N TRP B 527 -9.81 2.61 -34.60
CA TRP B 527 -10.72 1.49 -34.79
C TRP B 527 -11.11 1.39 -36.27
N LYS B 528 -11.47 2.54 -36.85
CA LYS B 528 -11.87 2.57 -38.24
C LYS B 528 -10.82 2.06 -39.24
N GLU B 529 -9.60 2.56 -39.18
CA GLU B 529 -8.50 2.22 -40.08
C GLU B 529 -7.96 0.78 -39.87
N GLY B 530 -8.41 0.02 -38.85
CA GLY B 530 -8.22 -1.44 -38.79
C GLY B 530 -6.82 -1.97 -38.38
N GLY B 531 -5.90 -1.14 -37.91
CA GLY B 531 -4.66 -1.67 -37.34
C GLY B 531 -4.94 -2.43 -36.04
N THR B 532 -4.00 -3.28 -35.64
CA THR B 532 -4.29 -4.22 -34.55
C THR B 532 -3.59 -3.85 -33.23
N GLY B 533 -2.97 -2.65 -33.17
CA GLY B 533 -2.33 -2.12 -31.96
C GLY B 533 -1.90 -0.65 -32.12
N PHE B 534 -1.39 -0.02 -31.04
CA PHE B 534 -1.18 1.43 -30.98
C PHE B 534 -0.01 1.72 -30.04
N LEU B 535 0.82 2.69 -30.37
CA LEU B 535 1.93 3.04 -29.49
C LEU B 535 2.04 4.56 -29.35
N TYR B 536 2.44 5.01 -28.13
CA TYR B 536 2.63 6.44 -27.82
C TYR B 536 3.93 6.58 -27.06
N TRP B 537 4.75 7.50 -27.53
CA TRP B 537 6.17 7.45 -27.22
C TRP B 537 6.47 7.70 -25.75
N GLY B 538 5.63 8.47 -25.07
CA GLY B 538 5.96 8.87 -23.70
C GLY B 538 4.73 9.40 -22.98
N ALA B 539 4.72 9.19 -21.66
CA ALA B 539 3.61 9.63 -20.81
C ALA B 539 4.06 10.64 -19.79
N ASN B 540 5.40 10.67 -19.54
CA ASN B 540 5.96 11.44 -18.46
C ASN B 540 7.09 12.31 -18.96
N CYS B 541 7.09 12.67 -20.25
CA CYS B 541 8.28 13.22 -20.91
C CYS B 541 8.43 14.71 -20.72
N TYR B 542 8.54 15.11 -19.44
CA TYR B 542 8.75 16.49 -19.05
C TYR B 542 10.19 16.91 -19.34
N GLU B 543 10.46 18.21 -19.23
CA GLU B 543 11.82 18.74 -19.20
C GLU B 543 12.41 18.32 -17.86
N LYS B 544 13.73 18.36 -17.75
CA LYS B 544 14.52 17.83 -16.64
C LYS B 544 14.38 18.65 -15.37
N ALA B 545 14.19 17.94 -14.25
CA ALA B 545 14.06 18.55 -12.93
C ALA B 545 14.66 17.57 -11.92
N THR B 546 15.01 18.06 -10.71
CA THR B 546 15.74 17.21 -9.77
C THR B 546 15.01 17.04 -8.42
N VAL B 547 13.73 17.46 -8.37
CA VAL B 547 12.92 17.42 -7.16
C VAL B 547 11.48 17.06 -7.55
N PRO B 548 10.78 16.18 -6.78
CA PRO B 548 9.43 15.71 -7.16
C PRO B 548 8.35 16.77 -7.44
N SER B 549 8.37 17.85 -6.64
CA SER B 549 7.40 18.93 -6.68
C SER B 549 7.76 20.07 -7.65
N ALA B 550 8.89 19.90 -8.37
CA ALA B 550 9.41 21.00 -9.20
C ALA B 550 8.37 21.36 -10.28
N GLU B 551 8.36 22.63 -10.73
CA GLU B 551 7.42 23.01 -11.79
C GLU B 551 7.58 22.04 -12.96
N VAL B 552 6.46 21.65 -13.56
CA VAL B 552 6.50 20.87 -14.82
C VAL B 552 6.76 21.79 -16.04
N LYS B 553 7.85 21.55 -16.74
CA LYS B 553 8.19 22.34 -17.90
C LYS B 553 8.06 21.42 -19.07
N PHE B 554 7.65 22.01 -20.18
CA PHE B 554 7.34 21.25 -21.40
C PHE B 554 8.54 21.45 -22.31
N ARG B 555 8.90 20.39 -23.04
CA ARG B 555 10.19 20.34 -23.75
C ARG B 555 10.14 21.29 -24.93
N ARG B 556 11.32 21.82 -25.32
CA ARG B 556 11.51 22.69 -26.47
C ARG B 556 11.27 21.96 -27.79
N GLY B 557 10.67 22.69 -28.73
CA GLY B 557 10.45 22.21 -30.08
C GLY B 557 9.29 21.21 -30.22
N LEU B 558 8.60 20.87 -29.13
CA LEU B 558 7.45 19.98 -29.16
C LEU B 558 6.18 20.74 -28.76
N PRO B 559 5.00 20.39 -29.34
CA PRO B 559 3.73 20.96 -28.88
C PRO B 559 3.49 20.54 -27.42
N PRO B 560 3.34 21.50 -26.49
CA PRO B 560 3.15 21.12 -25.08
C PRO B 560 2.05 20.07 -24.91
N GLY B 561 2.39 18.97 -24.21
CA GLY B 561 1.41 17.94 -23.90
C GLY B 561 1.65 16.70 -24.74
N ASP B 562 2.44 16.86 -25.80
CA ASP B 562 3.02 15.76 -26.51
C ASP B 562 4.02 15.12 -25.56
N GLY B 563 3.77 13.83 -25.30
CA GLY B 563 4.68 13.05 -24.50
C GLY B 563 4.35 13.13 -23.03
N VAL B 564 3.18 13.77 -22.70
CA VAL B 564 2.85 14.03 -21.29
C VAL B 564 1.38 13.77 -21.06
N LEU B 565 1.07 12.59 -20.48
CA LEU B 565 -0.29 12.13 -20.23
C LEU B 565 -0.62 12.15 -18.74
N TYR B 566 0.39 12.29 -17.86
CA TYR B 566 0.17 12.38 -16.44
C TYR B 566 1.27 13.23 -15.78
N TYR B 567 0.92 13.80 -14.61
CA TYR B 567 1.77 14.70 -13.85
C TYR B 567 2.17 13.99 -12.55
N PRO B 568 3.29 14.45 -11.91
CA PRO B 568 3.65 14.05 -10.54
C PRO B 568 2.58 14.55 -9.58
N GLY B 569 2.16 13.64 -8.68
CA GLY B 569 1.21 13.98 -7.60
C GLY B 569 1.66 15.15 -6.70
N GLU B 570 2.98 15.28 -6.53
CA GLU B 570 3.66 16.11 -5.56
C GLU B 570 3.70 17.55 -6.05
N VAL B 571 3.33 17.78 -7.32
CA VAL B 571 3.30 19.14 -7.83
C VAL B 571 2.03 19.81 -7.30
N PHE B 572 0.97 18.99 -7.08
CA PHE B 572 -0.41 19.43 -6.82
C PHE B 572 -0.82 19.19 -5.35
N SER B 573 -0.14 18.29 -4.61
CA SER B 573 -0.48 17.85 -3.25
C SER B 573 0.75 17.17 -2.64
N SER B 574 0.62 16.42 -1.50
CA SER B 574 1.79 15.76 -0.90
C SER B 574 1.84 14.28 -1.32
N SER B 575 0.72 13.80 -1.86
CA SER B 575 0.53 12.49 -2.48
C SER B 575 1.56 12.09 -3.55
N SER B 576 1.94 10.80 -3.57
CA SER B 576 2.99 10.36 -4.48
C SER B 576 2.34 9.67 -5.68
N GLU B 577 1.02 9.59 -5.62
CA GLU B 577 0.15 8.99 -6.66
C GLU B 577 0.22 9.92 -7.88
N PRO B 578 0.44 9.41 -9.12
CA PRO B 578 0.38 10.29 -10.29
C PRO B 578 -1.00 10.94 -10.51
N VAL B 579 -0.96 12.05 -11.26
CA VAL B 579 -2.11 12.89 -11.55
C VAL B 579 -2.40 12.75 -13.04
N ALA B 580 -3.52 12.17 -13.37
CA ALA B 580 -3.90 12.01 -14.76
C ALA B 580 -4.18 13.36 -15.42
N SER B 581 -3.98 13.43 -16.72
CA SER B 581 -4.53 14.50 -17.53
C SER B 581 -5.97 14.19 -17.95
N LEU B 582 -6.77 15.21 -18.33
CA LEU B 582 -7.96 14.93 -19.13
C LEU B 582 -7.65 14.01 -20.34
N ARG B 583 -6.54 14.28 -21.01
CA ARG B 583 -6.18 13.60 -22.22
C ARG B 583 -5.99 12.11 -21.98
N LEU B 584 -5.48 11.73 -20.79
CA LEU B 584 -5.39 10.32 -20.40
C LEU B 584 -6.75 9.69 -20.15
N GLU B 585 -7.65 10.47 -19.60
CA GLU B 585 -9.00 10.03 -19.39
C GLU B 585 -9.75 9.85 -20.72
N ARG B 586 -9.49 10.75 -21.67
CA ARG B 586 -10.09 10.67 -22.99
C ARG B 586 -9.55 9.47 -23.80
N LEU B 587 -8.27 9.17 -23.66
CA LEU B 587 -7.71 7.94 -24.21
C LEU B 587 -8.45 6.72 -23.63
N LEU B 588 -8.55 6.61 -22.28
CA LEU B 588 -9.42 5.57 -21.69
C LEU B 588 -10.87 5.55 -22.23
N SER B 589 -11.62 6.66 -22.21
CA SER B 589 -12.98 6.70 -22.77
C SER B 589 -13.01 6.10 -24.19
N GLY B 590 -11.91 6.34 -24.94
CA GLY B 590 -11.81 5.97 -26.32
C GLY B 590 -11.65 4.46 -26.47
N LEU B 591 -10.85 3.92 -25.57
CA LEU B 591 -10.53 2.50 -25.57
C LEU B 591 -11.74 1.68 -25.18
N GLN B 592 -12.63 2.29 -24.38
CA GLN B 592 -13.88 1.66 -24.01
C GLN B 592 -14.90 1.77 -25.15
N ASP B 593 -14.85 2.89 -25.91
CA ASP B 593 -15.57 3.04 -27.17
C ASP B 593 -15.13 1.98 -28.21
N TYR B 594 -13.83 1.63 -28.28
CA TYR B 594 -13.34 0.59 -29.16
C TYR B 594 -14.06 -0.75 -28.95
N GLU B 595 -14.37 -1.07 -27.66
CA GLU B 595 -14.86 -2.35 -27.19
C GLU B 595 -16.36 -2.47 -27.40
N TYR B 596 -17.08 -1.34 -27.24
CA TYR B 596 -18.46 -1.20 -27.67
C TYR B 596 -18.57 -1.43 -29.19
N LEU B 597 -17.69 -0.80 -29.97
CA LEU B 597 -17.72 -0.90 -31.42
C LEU B 597 -17.44 -2.32 -31.88
N LYS B 598 -16.44 -2.95 -31.27
CA LYS B 598 -16.10 -4.32 -31.57
C LYS B 598 -17.22 -5.28 -31.17
N LEU B 599 -18.08 -4.91 -30.22
CA LEU B 599 -19.20 -5.76 -29.81
C LEU B 599 -20.23 -5.80 -30.93
N TYR B 600 -20.67 -4.60 -31.31
CA TYR B 600 -21.58 -4.44 -32.41
C TYR B 600 -21.12 -5.16 -33.68
N GLU B 601 -19.82 -5.09 -34.02
CA GLU B 601 -19.28 -5.77 -35.19
C GLU B 601 -19.46 -7.31 -35.10
N SER B 602 -19.10 -7.89 -33.94
CA SER B 602 -19.20 -9.31 -33.69
C SER B 602 -20.64 -9.78 -33.95
N LYS B 603 -21.59 -8.84 -33.91
CA LYS B 603 -22.98 -9.24 -33.94
C LYS B 603 -23.57 -8.92 -35.32
N TYR B 604 -23.25 -7.75 -35.90
CA TYR B 604 -23.82 -7.33 -37.17
C TYR B 604 -22.73 -7.13 -38.24
N GLY B 605 -21.43 -7.33 -37.94
CA GLY B 605 -20.39 -7.28 -38.98
C GLY B 605 -19.79 -5.91 -39.24
N ARG B 606 -18.57 -5.92 -39.81
CA ARG B 606 -17.79 -4.70 -40.07
C ARG B 606 -18.62 -3.60 -40.72
N GLU B 607 -19.43 -3.93 -41.73
CA GLU B 607 -20.12 -2.95 -42.54
C GLU B 607 -21.15 -2.18 -41.70
N GLU B 608 -21.94 -2.89 -40.90
CA GLU B 608 -23.02 -2.23 -40.16
C GLU B 608 -22.42 -1.37 -39.02
N ALA B 609 -21.22 -1.74 -38.49
CA ALA B 609 -20.52 -0.95 -37.48
C ALA B 609 -19.94 0.37 -38.02
N MET B 610 -19.23 0.29 -39.16
CA MET B 610 -18.63 1.47 -39.78
C MET B 610 -19.72 2.45 -40.17
N GLY B 611 -20.89 1.93 -40.58
CA GLY B 611 -22.09 2.73 -40.81
C GLY B 611 -22.59 3.42 -39.55
N LEU B 612 -22.59 2.69 -38.44
CA LEU B 612 -22.90 3.26 -37.12
C LEU B 612 -22.03 4.43 -36.65
N LEU B 613 -20.70 4.27 -36.72
CA LEU B 613 -19.74 5.33 -36.40
C LEU B 613 -19.99 6.61 -37.23
N GLU B 614 -20.27 6.42 -38.54
CA GLU B 614 -20.52 7.53 -39.42
C GLU B 614 -21.93 8.11 -39.23
N LYS B 615 -22.94 7.26 -39.12
CA LYS B 615 -24.32 7.72 -39.29
C LYS B 615 -24.84 8.41 -38.02
N THR B 616 -24.26 8.08 -36.84
CA THR B 616 -24.44 8.80 -35.57
C THR B 616 -23.84 10.23 -35.51
N GLY B 617 -22.87 10.53 -36.40
CA GLY B 617 -22.13 11.79 -36.43
C GLY B 617 -20.77 11.75 -35.70
N VAL B 618 -20.40 10.60 -35.15
CA VAL B 618 -19.29 10.56 -34.24
C VAL B 618 -18.00 10.76 -35.01
N TYR B 619 -17.78 10.03 -36.09
CA TYR B 619 -16.52 10.15 -36.79
C TYR B 619 -16.73 9.79 -38.27
N THR B 620 -16.43 10.79 -39.11
CA THR B 620 -16.45 10.68 -40.56
C THR B 620 -15.04 10.47 -41.14
N GLY B 621 -14.04 11.25 -40.72
CA GLY B 621 -12.65 11.04 -41.12
C GLY B 621 -11.74 11.94 -40.29
N PRO B 622 -10.40 11.89 -40.50
CA PRO B 622 -9.45 12.68 -39.70
C PRO B 622 -9.80 14.15 -39.41
N GLU B 623 -10.49 14.84 -40.31
CA GLU B 623 -10.82 16.25 -40.17
C GLU B 623 -12.32 16.48 -39.93
N ARG B 624 -13.08 15.40 -39.72
CA ARG B 624 -14.50 15.52 -39.46
C ARG B 624 -14.89 14.47 -38.42
N TYR B 625 -15.19 14.95 -37.22
CA TYR B 625 -15.64 14.13 -36.11
C TYR B 625 -16.53 15.00 -35.23
N THR B 626 -17.42 14.39 -34.44
CA THR B 626 -18.39 15.16 -33.69
C THR B 626 -17.73 16.22 -32.81
N LEU B 627 -18.36 17.40 -32.74
CA LEU B 627 -17.84 18.45 -31.87
C LEU B 627 -18.59 18.41 -30.56
N GLU B 628 -19.68 17.61 -30.45
CA GLU B 628 -20.48 17.63 -29.24
C GLU B 628 -20.68 16.20 -28.70
N HIS B 629 -21.14 16.13 -27.45
CA HIS B 629 -21.22 14.88 -26.72
C HIS B 629 -22.36 13.98 -27.19
N ARG B 630 -23.47 14.57 -27.69
CA ARG B 630 -24.73 13.83 -27.82
C ARG B 630 -24.59 12.65 -28.80
N PRO B 631 -23.90 12.78 -29.98
CA PRO B 631 -23.71 11.64 -30.89
C PRO B 631 -23.03 10.43 -30.22
N ILE B 632 -22.22 10.67 -29.19
CA ILE B 632 -21.58 9.59 -28.45
C ILE B 632 -22.58 8.83 -27.57
N ASP B 633 -23.55 9.55 -27.00
CA ASP B 633 -24.56 8.89 -26.20
C ASP B 633 -25.50 8.11 -27.10
N VAL B 634 -25.85 8.72 -28.23
CA VAL B 634 -26.62 8.09 -29.30
C VAL B 634 -25.90 6.82 -29.78
N LEU B 635 -24.58 6.83 -29.95
CA LEU B 635 -23.86 5.66 -30.43
C LEU B 635 -23.81 4.62 -29.31
N ARG B 636 -23.70 5.07 -28.07
CA ARG B 636 -23.56 4.11 -26.95
C ARG B 636 -24.92 3.46 -26.64
N GLY B 637 -26.00 4.27 -26.54
CA GLY B 637 -27.38 3.85 -26.32
C GLY B 637 -27.87 2.83 -27.37
N GLU B 638 -27.55 3.06 -28.67
CA GLU B 638 -27.76 2.11 -29.77
C GLU B 638 -27.09 0.73 -29.53
N VAL B 639 -25.82 0.65 -29.07
CA VAL B 639 -25.17 -0.61 -28.73
C VAL B 639 -25.91 -1.25 -27.54
N TYR B 640 -26.25 -0.47 -26.52
CA TYR B 640 -26.97 -1.01 -25.39
C TYR B 640 -28.27 -1.74 -25.83
N ASN B 641 -29.12 -1.15 -26.71
CA ASN B 641 -30.40 -1.70 -27.18
C ASN B 641 -30.28 -3.01 -27.98
N THR B 642 -29.45 -3.01 -29.03
CA THR B 642 -29.34 -4.10 -29.99
C THR B 642 -28.54 -5.32 -29.45
N CYS B 643 -27.67 -5.11 -28.46
CA CYS B 643 -26.76 -6.18 -28.04
C CYS B 643 -27.01 -6.51 -26.57
N ARG B 644 -28.26 -6.30 -26.14
CA ARG B 644 -28.63 -6.43 -24.74
C ARG B 644 -28.59 -7.87 -24.25
N PRO B 645 -29.00 -8.91 -25.04
CA PRO B 645 -29.23 -10.27 -24.50
C PRO B 645 -28.11 -11.01 -23.72
#